data_5UJR
#
_entry.id   5UJR
#
_entity_poly.entity_id   1
_entity_poly.type   'polypeptide(L)'
_entity_poly.pdbx_seq_one_letter_code
;WGWKEVVQNGQTIFSAGQKLGNMVGKIVPLPFG
;
_entity_poly.pdbx_strand_id   A
#
# COMPACT_ATOMS: atom_id res chain seq x y z
N TRP A 1 -3.30 -2.50 -27.72
CA TRP A 1 -4.47 -2.04 -26.99
C TRP A 1 -4.93 -3.08 -25.97
N GLY A 2 -5.14 -2.64 -24.73
CA GLY A 2 -5.58 -3.54 -23.69
C GLY A 2 -6.04 -2.81 -22.44
N TRP A 3 -7.31 -2.42 -22.42
CA TRP A 3 -7.87 -1.71 -21.28
C TRP A 3 -7.63 -2.48 -19.99
N LYS A 4 -7.91 -3.77 -20.01
CA LYS A 4 -7.72 -4.62 -18.84
C LYS A 4 -6.27 -4.57 -18.36
N GLU A 5 -5.35 -4.42 -19.30
CA GLU A 5 -3.93 -4.35 -18.97
C GLU A 5 -3.55 -2.96 -18.50
N VAL A 6 -4.29 -1.95 -18.96
CA VAL A 6 -4.03 -0.56 -18.59
C VAL A 6 -4.40 -0.31 -17.14
N VAL A 7 -5.44 -1.00 -16.67
CA VAL A 7 -5.89 -0.85 -15.30
C VAL A 7 -4.87 -1.41 -14.31
N GLN A 8 -4.23 -2.51 -14.69
CA GLN A 8 -3.24 -3.14 -13.84
C GLN A 8 -2.14 -2.16 -13.45
N ASN A 9 -1.91 -1.18 -14.32
CA ASN A 9 -0.89 -0.17 -14.06
C ASN A 9 -1.39 0.88 -13.09
N GLY A 10 -2.71 1.08 -13.05
CA GLY A 10 -3.30 2.06 -12.16
C GLY A 10 -3.55 1.50 -10.77
N GLN A 11 -3.72 0.18 -10.68
CA GLN A 11 -3.96 -0.47 -9.40
C GLN A 11 -2.66 -0.78 -8.68
N THR A 12 -1.64 -1.16 -9.46
CA THR A 12 -0.34 -1.50 -8.91
C THR A 12 0.16 -0.39 -7.99
N ILE A 13 -0.23 0.85 -8.28
CA ILE A 13 0.18 1.99 -7.49
C ILE A 13 -0.79 2.25 -6.35
N PHE A 14 -2.06 1.91 -6.57
CA PHE A 14 -3.09 2.11 -5.56
C PHE A 14 -2.94 1.09 -4.42
N SER A 15 -2.95 -0.19 -4.78
CA SER A 15 -2.82 -1.25 -3.79
C SER A 15 -1.56 -1.06 -2.95
N ALA A 16 -0.55 -0.42 -3.54
CA ALA A 16 0.71 -0.17 -2.84
C ALA A 16 0.47 0.69 -1.59
N GLY A 17 -0.59 1.48 -1.61
CA GLY A 17 -0.90 2.34 -0.48
C GLY A 17 -1.04 1.56 0.81
N GLN A 18 -1.34 0.27 0.69
CA GLN A 18 -1.52 -0.58 1.86
C GLN A 18 -0.16 -1.00 2.43
N LYS A 19 0.66 -1.61 1.59
CA LYS A 19 1.99 -2.05 2.00
C LYS A 19 2.88 -0.87 2.36
N LEU A 20 2.66 0.26 1.69
CA LEU A 20 3.44 1.46 1.95
C LEU A 20 2.80 2.30 3.05
N GLY A 21 1.79 1.74 3.71
CA GLY A 21 1.13 2.45 4.78
C GLY A 21 0.76 1.53 5.94
N ASN A 22 1.26 0.30 5.90
CA ASN A 22 0.98 -0.67 6.96
C ASN A 22 1.90 -0.47 8.15
N MET A 23 3.21 -0.50 7.89
CA MET A 23 4.19 -0.31 8.96
C MET A 23 4.24 1.14 9.41
N VAL A 24 3.78 2.04 8.54
CA VAL A 24 3.77 3.47 8.85
C VAL A 24 2.75 3.78 9.94
N GLY A 25 1.49 3.45 9.67
CA GLY A 25 0.44 3.71 10.64
C GLY A 25 0.41 2.69 11.76
N LYS A 26 1.31 1.71 11.68
CA LYS A 26 1.40 0.66 12.69
C LYS A 26 2.13 1.16 13.93
N ILE A 27 1.49 1.04 15.09
CA ILE A 27 2.08 1.47 16.35
C ILE A 27 2.72 0.30 17.09
N VAL A 28 3.82 0.58 17.79
CA VAL A 28 4.52 -0.46 18.54
C VAL A 28 4.52 -0.14 20.03
N PRO A 29 4.67 -1.18 20.86
CA PRO A 29 4.69 -1.04 22.32
C PRO A 29 5.95 -0.34 22.82
N LEU A 30 5.96 0.02 24.10
CA LEU A 30 7.11 0.70 24.69
C LEU A 30 7.98 -0.29 25.46
N PRO A 31 9.24 0.11 25.71
CA PRO A 31 10.20 -0.72 26.43
C PRO A 31 9.85 -0.87 27.91
N PHE A 32 9.75 -2.10 28.37
CA PHE A 32 9.42 -2.38 29.76
C PHE A 32 8.04 -1.81 30.12
N GLY A 33 7.13 -1.82 29.15
CA GLY A 33 5.80 -1.30 29.38
C GLY A 33 4.76 -2.40 29.46
N TRP A 1 -3.49 -7.95 -18.33
CA TRP A 1 -4.22 -8.41 -19.51
C TRP A 1 -5.27 -7.38 -19.92
N GLY A 2 -4.88 -6.47 -20.81
CA GLY A 2 -5.81 -5.45 -21.27
C GLY A 2 -6.16 -4.45 -20.19
N TRP A 3 -7.44 -4.38 -19.84
CA TRP A 3 -7.90 -3.47 -18.81
C TRP A 3 -7.23 -3.75 -17.47
N LYS A 4 -6.98 -5.03 -17.21
CA LYS A 4 -6.33 -5.44 -15.96
C LYS A 4 -5.03 -4.69 -15.75
N GLU A 5 -4.19 -4.66 -16.79
CA GLU A 5 -2.91 -3.98 -16.72
C GLU A 5 -3.11 -2.47 -16.56
N VAL A 6 -4.20 -1.97 -17.12
CA VAL A 6 -4.51 -0.54 -17.04
C VAL A 6 -4.83 -0.13 -15.61
N VAL A 7 -5.72 -0.88 -14.97
CA VAL A 7 -6.13 -0.59 -13.60
C VAL A 7 -4.94 -0.73 -12.64
N GLN A 8 -4.05 -1.66 -12.94
CA GLN A 8 -2.88 -1.90 -12.11
C GLN A 8 -2.07 -0.61 -11.93
N ASN A 9 -2.10 0.24 -12.95
CA ASN A 9 -1.37 1.51 -12.90
C ASN A 9 -2.04 2.49 -11.94
N GLY A 10 -3.34 2.32 -11.76
CA GLY A 10 -4.08 3.20 -10.87
C GLY A 10 -4.13 2.67 -9.45
N GLN A 11 -4.05 1.36 -9.30
CA GLN A 11 -4.09 0.73 -7.99
C GLN A 11 -2.70 0.71 -7.35
N THR A 12 -1.66 0.69 -8.20
CA THR A 12 -0.29 0.67 -7.72
C THR A 12 -0.01 1.87 -6.81
N ILE A 13 -0.68 2.98 -7.07
CA ILE A 13 -0.50 4.19 -6.28
C ILE A 13 -1.39 4.17 -5.04
N PHE A 14 -2.57 3.58 -5.18
CA PHE A 14 -3.51 3.49 -4.07
C PHE A 14 -3.01 2.51 -3.00
N SER A 15 -2.77 1.28 -3.41
CA SER A 15 -2.29 0.25 -2.49
C SER A 15 -1.01 0.70 -1.80
N ALA A 16 -0.23 1.53 -2.48
CA ALA A 16 1.02 2.03 -1.94
C ALA A 16 0.79 2.85 -0.67
N GLY A 17 -0.42 3.40 -0.55
CA GLY A 17 -0.76 4.19 0.62
C GLY A 17 -0.61 3.41 1.91
N GLN A 18 -0.64 2.08 1.80
CA GLN A 18 -0.51 1.22 2.97
C GLN A 18 0.95 1.03 3.35
N LYS A 19 1.78 0.74 2.36
CA LYS A 19 3.21 0.53 2.59
C LYS A 19 3.91 1.85 2.89
N LEU A 20 3.40 2.93 2.31
CA LEU A 20 3.98 4.25 2.52
C LEU A 20 3.36 4.94 3.73
N GLY A 21 2.56 4.18 4.48
CA GLY A 21 1.90 4.73 5.66
C GLY A 21 1.84 3.73 6.80
N ASN A 22 2.54 2.61 6.65
CA ASN A 22 2.55 1.58 7.67
C ASN A 22 3.56 1.91 8.77
N MET A 23 4.82 2.10 8.39
CA MET A 23 5.86 2.43 9.34
C MET A 23 5.71 3.86 9.85
N VAL A 24 5.02 4.68 9.09
CA VAL A 24 4.80 6.07 9.46
C VAL A 24 3.87 6.18 10.66
N GLY A 25 2.66 5.64 10.52
CA GLY A 25 1.69 5.69 11.60
C GLY A 25 1.98 4.66 12.67
N LYS A 26 3.02 3.85 12.45
CA LYS A 26 3.39 2.82 13.42
C LYS A 26 4.84 3.02 13.88
N ILE A 27 4.99 3.50 15.10
CA ILE A 27 6.33 3.73 15.66
C ILE A 27 6.76 2.56 16.53
N VAL A 28 5.80 1.84 17.09
CA VAL A 28 6.08 0.69 17.93
C VAL A 28 7.03 -0.28 17.23
N PRO A 29 7.75 -1.08 18.04
CA PRO A 29 8.70 -2.07 17.51
C PRO A 29 8.00 -3.23 16.81
N LEU A 30 6.84 -3.62 17.33
CA LEU A 30 6.07 -4.72 16.76
C LEU A 30 4.93 -4.19 15.91
N PRO A 31 4.41 -5.05 15.01
CA PRO A 31 3.29 -4.70 14.13
C PRO A 31 1.98 -4.53 14.88
N PHE A 32 1.87 -5.20 16.03
CA PHE A 32 0.66 -5.13 16.85
C PHE A 32 0.95 -4.43 18.17
N GLY A 33 2.09 -4.76 18.77
CA GLY A 33 2.45 -4.15 20.04
C GLY A 33 1.72 -4.78 21.22
N TRP A 1 -2.82 -7.61 -23.52
CA TRP A 1 -2.43 -6.21 -23.49
C TRP A 1 -3.64 -5.30 -23.71
N GLY A 2 -4.70 -5.54 -22.94
CA GLY A 2 -5.91 -4.74 -23.06
C GLY A 2 -6.05 -3.74 -21.94
N TRP A 3 -7.26 -3.21 -21.76
CA TRP A 3 -7.53 -2.23 -20.72
C TRP A 3 -7.35 -2.85 -19.34
N LYS A 4 -7.53 -4.16 -19.26
CA LYS A 4 -7.39 -4.88 -17.99
C LYS A 4 -6.00 -4.66 -17.39
N GLU A 5 -4.98 -4.64 -18.26
CA GLU A 5 -3.61 -4.43 -17.82
C GLU A 5 -3.35 -2.97 -17.51
N VAL A 6 -4.10 -2.09 -18.16
CA VAL A 6 -3.95 -0.66 -17.95
C VAL A 6 -4.26 -0.27 -16.51
N VAL A 7 -5.28 -0.93 -15.94
CA VAL A 7 -5.68 -0.66 -14.56
C VAL A 7 -4.56 -0.99 -13.59
N GLN A 8 -3.70 -1.92 -13.98
CA GLN A 8 -2.58 -2.34 -13.14
C GLN A 8 -1.73 -1.14 -12.75
N ASN A 9 -1.75 -0.11 -13.58
CA ASN A 9 -0.97 1.11 -13.32
C ASN A 9 -1.74 2.05 -12.41
N GLY A 10 -3.06 1.95 -12.44
CA GLY A 10 -3.89 2.82 -11.62
C GLY A 10 -4.12 2.24 -10.24
N GLN A 11 -4.10 0.91 -10.13
CA GLN A 11 -4.31 0.25 -8.85
C GLN A 11 -2.99 0.12 -8.08
N THR A 12 -1.90 -0.10 -8.81
CA THR A 12 -0.59 -0.24 -8.20
C THR A 12 -0.26 0.96 -7.33
N ILE A 13 -0.86 2.10 -7.65
CA ILE A 13 -0.63 3.33 -6.90
C ILE A 13 -1.65 3.49 -5.79
N PHE A 14 -2.82 2.88 -5.96
CA PHE A 14 -3.88 2.96 -4.98
C PHE A 14 -3.65 1.96 -3.85
N SER A 15 -3.55 0.68 -4.21
CA SER A 15 -3.34 -0.37 -3.23
C SER A 15 -2.10 -0.08 -2.39
N ALA A 16 -1.10 0.53 -3.00
CA ALA A 16 0.14 0.87 -2.31
C ALA A 16 -0.11 1.87 -1.19
N GLY A 17 -1.17 2.65 -1.34
CA GLY A 17 -1.50 3.64 -0.33
C GLY A 17 -1.68 3.03 1.05
N GLN A 18 -1.99 1.74 1.08
CA GLN A 18 -2.19 1.03 2.34
C GLN A 18 -0.86 0.62 2.96
N LYS A 19 -0.02 -0.03 2.16
CA LYS A 19 1.28 -0.48 2.61
C LYS A 19 2.17 0.70 2.96
N LEU A 20 2.02 1.78 2.21
CA LEU A 20 2.81 2.99 2.43
C LEU A 20 2.15 3.91 3.44
N GLY A 21 1.08 3.40 4.07
CA GLY A 21 0.37 4.19 5.06
C GLY A 21 -0.05 3.37 6.27
N ASN A 22 0.44 2.14 6.35
CA ASN A 22 0.11 1.25 7.45
C ASN A 22 0.99 1.54 8.66
N MET A 23 2.30 1.47 8.47
CA MET A 23 3.25 1.74 9.55
C MET A 23 3.29 3.22 9.89
N VAL A 24 2.88 4.06 8.94
CA VAL A 24 2.86 5.50 9.15
C VAL A 24 1.81 5.90 10.17
N GLY A 25 0.55 5.56 9.88
CA GLY A 25 -0.54 5.90 10.78
C GLY A 25 -0.59 4.99 11.99
N LYS A 26 0.29 3.99 12.02
CA LYS A 26 0.34 3.04 13.12
C LYS A 26 1.79 2.65 13.44
N ILE A 27 2.31 3.20 14.52
CA ILE A 27 3.68 2.90 14.93
C ILE A 27 3.78 1.52 15.56
N VAL A 28 4.86 0.81 15.24
CA VAL A 28 5.07 -0.54 15.78
C VAL A 28 4.92 -0.55 17.30
N PRO A 29 4.60 -1.74 17.85
CA PRO A 29 4.44 -1.91 19.30
C PRO A 29 5.76 -1.81 20.06
N LEU A 30 5.71 -2.08 21.36
CA LEU A 30 6.89 -2.02 22.19
C LEU A 30 8.03 -2.84 21.59
N PRO A 31 9.26 -2.55 22.03
CA PRO A 31 10.46 -3.25 21.54
C PRO A 31 10.52 -4.69 22.04
N PHE A 32 10.20 -4.90 23.31
CA PHE A 32 10.21 -6.23 23.90
C PHE A 32 8.84 -6.88 23.82
N GLY A 33 7.80 -6.07 24.03
CA GLY A 33 6.44 -6.57 23.98
C GLY A 33 5.86 -6.78 25.36
N TRP A 1 -2.54 -6.77 -24.70
CA TRP A 1 -2.81 -5.55 -23.95
C TRP A 1 -4.28 -5.14 -24.06
N GLY A 2 -4.92 -4.94 -22.93
CA GLY A 2 -6.32 -4.56 -22.93
C GLY A 2 -6.64 -3.52 -21.87
N TRP A 3 -7.92 -3.42 -21.51
CA TRP A 3 -8.35 -2.47 -20.50
C TRP A 3 -7.91 -2.91 -19.11
N LYS A 4 -7.95 -4.20 -18.86
CA LYS A 4 -7.55 -4.76 -17.56
C LYS A 4 -6.09 -4.43 -17.27
N GLU A 5 -5.28 -4.38 -18.32
CA GLU A 5 -3.86 -4.08 -18.17
C GLU A 5 -3.65 -2.62 -17.78
N VAL A 6 -4.52 -1.74 -18.27
CA VAL A 6 -4.43 -0.32 -17.98
C VAL A 6 -4.65 -0.06 -16.49
N VAL A 7 -5.56 -0.81 -15.89
CA VAL A 7 -5.86 -0.66 -14.47
C VAL A 7 -4.63 -0.96 -13.62
N GLN A 8 -3.77 -1.85 -14.11
CA GLN A 8 -2.56 -2.23 -13.39
C GLN A 8 -1.74 -0.99 -13.01
N ASN A 9 -1.67 -0.03 -13.93
CA ASN A 9 -0.93 1.20 -13.68
C ASN A 9 -1.56 2.01 -12.55
N GLY A 10 -2.86 1.82 -12.36
CA GLY A 10 -3.56 2.54 -11.31
C GLY A 10 -3.62 1.76 -10.01
N GLN A 11 -3.46 0.44 -10.10
CA GLN A 11 -3.50 -0.42 -8.93
C GLN A 11 -2.12 -0.50 -8.28
N THR A 12 -1.07 -0.35 -9.08
CA THR A 12 0.29 -0.41 -8.58
C THR A 12 0.55 0.67 -7.53
N ILE A 13 -0.14 1.79 -7.66
CA ILE A 13 0.00 2.90 -6.72
C ILE A 13 -1.03 2.79 -5.60
N PHE A 14 -2.22 2.35 -5.94
CA PHE A 14 -3.30 2.21 -4.96
C PHE A 14 -2.98 1.11 -3.96
N SER A 15 -2.74 -0.10 -4.47
CA SER A 15 -2.42 -1.24 -3.61
C SER A 15 -1.17 -0.98 -2.79
N ALA A 16 -0.22 -0.25 -3.38
CA ALA A 16 1.02 0.09 -2.69
C ALA A 16 0.80 1.12 -1.60
N GLY A 17 -0.26 1.91 -1.75
CA GLY A 17 -0.57 2.93 -0.77
C GLY A 17 -0.86 2.35 0.60
N GLN A 18 -1.24 1.08 0.64
CA GLN A 18 -1.55 0.40 1.90
C GLN A 18 -0.30 -0.23 2.47
N LYS A 19 0.56 -0.76 1.60
CA LYS A 19 1.80 -1.41 2.02
C LYS A 19 2.83 -0.37 2.45
N LEU A 20 2.82 0.77 1.77
CA LEU A 20 3.75 1.85 2.07
C LEU A 20 3.21 2.78 3.14
N GLY A 21 2.09 2.38 3.74
CA GLY A 21 1.47 3.18 4.79
C GLY A 21 0.87 2.34 5.89
N ASN A 22 1.18 1.05 5.88
CA ASN A 22 0.66 0.13 6.89
C ASN A 22 1.52 0.19 8.16
N MET A 23 2.81 -0.07 8.01
CA MET A 23 3.73 -0.04 9.14
C MET A 23 3.98 1.39 9.62
N VAL A 24 3.75 2.35 8.72
CA VAL A 24 3.94 3.75 9.04
C VAL A 24 2.90 4.23 10.05
N GLY A 25 1.63 4.12 9.68
CA GLY A 25 0.56 4.55 10.57
C GLY A 25 0.33 3.58 11.72
N LYS A 26 1.06 2.47 11.70
CA LYS A 26 0.92 1.46 12.75
C LYS A 26 1.86 1.76 13.92
N ILE A 27 1.40 1.49 15.13
CA ILE A 27 2.19 1.74 16.33
C ILE A 27 3.51 0.97 16.28
N VAL A 28 4.48 1.42 17.06
CA VAL A 28 5.79 0.78 17.11
C VAL A 28 5.65 -0.72 17.36
N PRO A 29 6.68 -1.48 16.95
CA PRO A 29 6.69 -2.94 17.12
C PRO A 29 6.86 -3.34 18.58
N LEU A 30 7.63 -2.57 19.32
CA LEU A 30 7.87 -2.85 20.74
C LEU A 30 7.52 -1.64 21.60
N PRO A 31 6.21 -1.39 21.75
CA PRO A 31 5.70 -0.26 22.55
C PRO A 31 5.95 -0.46 24.05
N PHE A 32 6.89 0.30 24.59
CA PHE A 32 7.21 0.21 26.02
C PHE A 32 6.01 0.58 26.87
N GLY A 33 5.26 -0.42 27.29
CA GLY A 33 4.08 -0.18 28.12
C GLY A 33 4.36 -0.37 29.59
N TRP A 1 -7.44 -9.06 -20.00
CA TRP A 1 -6.00 -9.25 -19.89
C TRP A 1 -5.25 -8.05 -20.49
N GLY A 2 -4.03 -7.83 -20.02
CA GLY A 2 -3.23 -6.72 -20.51
C GLY A 2 -3.40 -5.47 -19.68
N TRP A 3 -4.64 -5.01 -19.54
CA TRP A 3 -4.94 -3.81 -18.77
C TRP A 3 -4.69 -4.05 -17.28
N LYS A 4 -4.81 -5.30 -16.86
CA LYS A 4 -4.60 -5.66 -15.46
C LYS A 4 -3.24 -5.17 -14.98
N GLU A 5 -2.21 -5.39 -15.80
CA GLU A 5 -0.86 -4.96 -15.45
C GLU A 5 -0.76 -3.45 -15.38
N VAL A 6 -1.61 -2.77 -16.15
CA VAL A 6 -1.63 -1.31 -16.18
C VAL A 6 -2.23 -0.74 -14.91
N VAL A 7 -3.33 -1.34 -14.46
CA VAL A 7 -4.00 -0.89 -13.24
C VAL A 7 -3.12 -1.07 -12.02
N GLN A 8 -2.26 -2.08 -12.07
CA GLN A 8 -1.35 -2.37 -10.97
C GLN A 8 -0.54 -1.13 -10.59
N ASN A 9 -0.13 -0.37 -11.61
CA ASN A 9 0.65 0.84 -11.38
C ASN A 9 -0.22 1.96 -10.81
N GLY A 10 -1.52 1.89 -11.10
CA GLY A 10 -2.44 2.89 -10.61
C GLY A 10 -2.92 2.62 -9.20
N GLN A 11 -3.03 1.33 -8.86
CA GLN A 11 -3.47 0.93 -7.53
C GLN A 11 -2.31 0.87 -6.55
N THR A 12 -1.17 0.40 -7.04
CA THR A 12 0.03 0.29 -6.20
C THR A 12 0.33 1.60 -5.51
N ILE A 13 -0.04 2.71 -6.15
CA ILE A 13 0.19 4.04 -5.59
C ILE A 13 -1.00 4.51 -4.77
N PHE A 14 -2.18 4.00 -5.12
CA PHE A 14 -3.41 4.37 -4.42
C PHE A 14 -3.49 3.69 -3.06
N SER A 15 -3.43 2.36 -3.07
CA SER A 15 -3.50 1.58 -1.83
C SER A 15 -2.43 2.03 -0.85
N ALA A 16 -1.21 2.21 -1.35
CA ALA A 16 -0.10 2.64 -0.51
C ALA A 16 -0.43 3.94 0.20
N GLY A 17 -1.33 4.73 -0.37
CA GLY A 17 -1.72 5.99 0.23
C GLY A 17 -2.22 5.82 1.66
N GLN A 18 -2.68 4.62 1.98
CA GLN A 18 -3.19 4.33 3.32
C GLN A 18 -2.05 3.93 4.26
N LYS A 19 -1.28 2.95 3.85
CA LYS A 19 -0.15 2.47 4.64
C LYS A 19 0.89 3.57 4.85
N LEU A 20 0.97 4.48 3.88
CA LEU A 20 1.92 5.59 3.96
C LEU A 20 1.68 6.42 5.21
N GLY A 21 0.47 6.35 5.75
CA GLY A 21 0.13 7.10 6.94
C GLY A 21 -0.58 6.25 7.98
N ASN A 22 -0.62 4.95 7.74
CA ASN A 22 -1.29 4.03 8.66
C ASN A 22 -0.36 3.64 9.80
N MET A 23 0.81 3.10 9.46
CA MET A 23 1.79 2.69 10.45
C MET A 23 2.44 3.91 11.10
N VAL A 24 2.41 5.04 10.39
CA VAL A 24 3.00 6.27 10.90
C VAL A 24 2.23 6.81 12.09
N GLY A 25 0.95 7.08 11.89
CA GLY A 25 0.12 7.59 12.97
C GLY A 25 -0.35 6.51 13.91
N LYS A 26 0.02 5.26 13.61
CA LYS A 26 -0.36 4.12 14.45
C LYS A 26 0.78 3.11 14.53
N ILE A 27 1.43 3.05 15.69
CA ILE A 27 2.53 2.11 15.90
C ILE A 27 2.08 0.68 15.65
N VAL A 28 3.05 -0.23 15.53
CA VAL A 28 2.76 -1.65 15.30
C VAL A 28 3.26 -2.51 16.46
N PRO A 29 2.65 -3.68 16.61
CA PRO A 29 3.02 -4.62 17.68
C PRO A 29 4.38 -5.26 17.45
N LEU A 30 4.73 -5.46 16.19
CA LEU A 30 6.01 -6.06 15.83
C LEU A 30 6.91 -5.04 15.11
N PRO A 31 8.22 -5.31 15.13
CA PRO A 31 9.20 -4.43 14.47
C PRO A 31 9.10 -4.47 12.96
N PHE A 32 8.57 -5.56 12.43
CA PHE A 32 8.42 -5.72 10.98
C PHE A 32 6.95 -5.90 10.61
N GLY A 33 6.20 -6.57 11.48
CA GLY A 33 4.79 -6.79 11.23
C GLY A 33 3.91 -5.70 11.80
N TRP A 1 -0.47 -7.88 -19.42
CA TRP A 1 -1.50 -8.85 -19.75
C TRP A 1 -2.88 -8.20 -19.75
N GLY A 2 -3.07 -7.24 -20.64
CA GLY A 2 -4.35 -6.55 -20.74
C GLY A 2 -4.42 -5.34 -19.83
N TRP A 3 -5.63 -4.84 -19.62
CA TRP A 3 -5.83 -3.67 -18.77
C TRP A 3 -5.51 -4.00 -17.31
N LYS A 4 -5.65 -5.27 -16.95
CA LYS A 4 -5.38 -5.71 -15.59
C LYS A 4 -3.98 -5.30 -15.15
N GLU A 5 -3.05 -5.30 -16.11
CA GLU A 5 -1.66 -4.92 -15.82
C GLU A 5 -1.50 -3.41 -15.83
N VAL A 6 -2.36 -2.73 -16.59
CA VAL A 6 -2.31 -1.27 -16.68
C VAL A 6 -2.94 -0.63 -15.46
N VAL A 7 -3.86 -1.35 -14.82
CA VAL A 7 -4.55 -0.85 -13.63
C VAL A 7 -3.63 -0.89 -12.41
N GLN A 8 -2.68 -1.81 -12.42
CA GLN A 8 -1.74 -1.95 -11.32
C GLN A 8 -1.05 -0.63 -11.02
N ASN A 9 -0.78 0.14 -12.06
CA ASN A 9 -0.13 1.44 -11.91
C ASN A 9 -1.07 2.46 -11.29
N GLY A 10 -2.37 2.26 -11.49
CA GLY A 10 -3.36 3.17 -10.94
C GLY A 10 -3.78 2.79 -9.54
N GLN A 11 -3.72 1.50 -9.24
CA GLN A 11 -4.11 1.00 -7.93
C GLN A 11 -2.95 1.10 -6.95
N THR A 12 -1.74 0.85 -7.44
CA THR A 12 -0.55 0.90 -6.61
C THR A 12 -0.45 2.23 -5.87
N ILE A 13 -1.02 3.27 -6.46
CA ILE A 13 -1.00 4.60 -5.85
C ILE A 13 -2.19 4.79 -4.92
N PHE A 14 -3.26 4.05 -5.17
CA PHE A 14 -4.47 4.15 -4.36
C PHE A 14 -4.32 3.34 -3.07
N SER A 15 -4.05 2.05 -3.22
CA SER A 15 -3.89 1.16 -2.07
C SER A 15 -2.76 1.65 -1.17
N ALA A 16 -1.78 2.33 -1.77
CA ALA A 16 -0.65 2.85 -1.01
C ALA A 16 -1.10 3.85 0.04
N GLY A 17 -2.24 4.49 -0.21
CA GLY A 17 -2.76 5.47 0.73
C GLY A 17 -2.87 4.92 2.14
N GLN A 18 -3.09 3.61 2.25
CA GLN A 18 -3.21 2.96 3.56
C GLN A 18 -1.85 2.50 4.07
N LYS A 19 -1.10 1.82 3.20
CA LYS A 19 0.22 1.32 3.56
C LYS A 19 1.14 2.47 3.98
N LEU A 20 0.89 3.65 3.43
CA LEU A 20 1.69 4.83 3.75
C LEU A 20 1.12 5.56 4.96
N GLY A 21 0.14 4.94 5.61
CA GLY A 21 -0.48 5.56 6.77
C GLY A 21 -0.86 4.53 7.83
N ASN A 22 -0.37 3.31 7.67
CA ASN A 22 -0.67 2.25 8.61
C ASN A 22 0.26 2.30 9.82
N MET A 23 1.57 2.27 9.55
CA MET A 23 2.56 2.34 10.62
C MET A 23 2.65 3.74 11.21
N VAL A 24 2.21 4.72 10.43
CA VAL A 24 2.24 6.11 10.87
C VAL A 24 1.22 6.36 11.98
N GLY A 25 -0.05 6.09 11.68
CA GLY A 25 -1.11 6.28 12.65
C GLY A 25 -1.24 5.11 13.60
N LYS A 26 -0.47 4.06 13.36
CA LYS A 26 -0.50 2.87 14.20
C LYS A 26 0.90 2.34 14.45
N ILE A 27 1.42 2.57 15.65
CA ILE A 27 2.75 2.12 16.01
C ILE A 27 2.70 0.73 16.65
N VAL A 28 3.66 -0.11 16.30
CA VAL A 28 3.74 -1.47 16.83
C VAL A 28 5.08 -1.73 17.50
N PRO A 29 5.09 -2.69 18.43
CA PRO A 29 6.31 -3.06 19.16
C PRO A 29 7.34 -3.76 18.27
N LEU A 30 6.84 -4.45 17.25
CA LEU A 30 7.72 -5.16 16.33
C LEU A 30 8.60 -4.19 15.54
N PRO A 31 9.72 -4.70 15.00
CA PRO A 31 10.65 -3.90 14.21
C PRO A 31 10.07 -3.47 12.87
N PHE A 32 9.04 -4.18 12.42
CA PHE A 32 8.40 -3.88 11.15
C PHE A 32 7.91 -2.44 11.12
N GLY A 33 7.60 -1.90 12.30
CA GLY A 33 7.11 -0.53 12.38
C GLY A 33 7.54 0.15 13.67
N TRP A 1 -4.68 -8.15 -21.81
CA TRP A 1 -3.46 -7.44 -22.19
C TRP A 1 -3.78 -6.05 -22.71
N GLY A 2 -3.54 -5.05 -21.87
CA GLY A 2 -3.81 -3.67 -22.26
C GLY A 2 -4.55 -2.89 -21.18
N TRP A 3 -5.86 -3.00 -21.17
CA TRP A 3 -6.68 -2.30 -20.19
C TRP A 3 -6.32 -2.74 -18.78
N LYS A 4 -6.21 -4.05 -18.57
CA LYS A 4 -5.86 -4.59 -17.26
C LYS A 4 -4.50 -4.08 -16.81
N GLU A 5 -3.61 -3.82 -17.76
CA GLU A 5 -2.28 -3.33 -17.45
C GLU A 5 -2.33 -1.90 -16.95
N VAL A 6 -3.36 -1.16 -17.37
CA VAL A 6 -3.52 0.23 -16.96
C VAL A 6 -3.87 0.33 -15.48
N VAL A 7 -5.00 -0.28 -15.09
CA VAL A 7 -5.45 -0.26 -13.71
C VAL A 7 -4.35 -0.75 -12.78
N GLN A 8 -3.58 -1.73 -13.24
CA GLN A 8 -2.50 -2.28 -12.44
C GLN A 8 -1.54 -1.19 -11.98
N ASN A 9 -1.48 -0.11 -12.75
CA ASN A 9 -0.60 1.00 -12.42
C ASN A 9 -1.28 1.97 -11.46
N GLY A 10 -2.61 2.00 -11.50
CA GLY A 10 -3.37 2.89 -10.64
C GLY A 10 -3.67 2.26 -9.29
N GLN A 11 -3.62 0.93 -9.24
CA GLN A 11 -3.90 0.21 -8.00
C GLN A 11 -2.64 0.08 -7.15
N THR A 12 -1.51 -0.14 -7.81
CA THR A 12 -0.23 -0.29 -7.12
C THR A 12 0.02 0.88 -6.17
N ILE A 13 -0.53 2.04 -6.52
CA ILE A 13 -0.37 3.23 -5.69
C ILE A 13 -1.52 3.38 -4.70
N PHE A 14 -2.67 2.80 -5.04
CA PHE A 14 -3.84 2.86 -4.18
C PHE A 14 -3.70 1.88 -3.02
N SER A 15 -3.51 0.61 -3.33
CA SER A 15 -3.37 -0.42 -2.30
C SER A 15 -2.19 -0.12 -1.39
N ALA A 16 -1.08 0.29 -2.00
CA ALA A 16 0.13 0.61 -1.24
C ALA A 16 -0.15 1.68 -0.20
N GLY A 17 -1.18 2.49 -0.44
CA GLY A 17 -1.53 3.54 0.49
C GLY A 17 -1.86 3.02 1.87
N GLN A 18 -2.17 1.73 1.96
CA GLN A 18 -2.51 1.10 3.23
C GLN A 18 -1.25 0.59 3.92
N LYS A 19 -0.40 -0.11 3.19
CA LYS A 19 0.84 -0.65 3.73
C LYS A 19 1.81 0.47 4.09
N LEU A 20 1.76 1.56 3.33
CA LEU A 20 2.64 2.70 3.57
C LEU A 20 2.00 3.67 4.57
N GLY A 21 0.89 3.26 5.16
CA GLY A 21 0.20 4.10 6.12
C GLY A 21 -0.36 3.32 7.29
N ASN A 22 0.02 2.05 7.39
CA ASN A 22 -0.45 1.19 8.46
C ASN A 22 0.38 1.40 9.72
N MET A 23 1.69 1.24 9.59
CA MET A 23 2.60 1.41 10.72
C MET A 23 2.74 2.88 11.08
N VAL A 24 2.47 3.76 10.12
CA VAL A 24 2.57 5.19 10.33
C VAL A 24 1.48 5.68 11.28
N GLY A 25 0.23 5.46 10.91
CA GLY A 25 -0.88 5.88 11.73
C GLY A 25 -1.19 4.89 12.83
N LYS A 26 -0.48 3.77 12.85
CA LYS A 26 -0.68 2.75 13.86
C LYS A 26 0.65 2.15 14.31
N ILE A 27 1.12 2.59 15.47
CA ILE A 27 2.39 2.10 16.01
C ILE A 27 2.26 0.65 16.49
N VAL A 28 3.03 -0.24 15.87
CA VAL A 28 3.00 -1.65 16.23
C VAL A 28 3.18 -1.83 17.73
N PRO A 29 2.69 -2.98 18.25
CA PRO A 29 2.80 -3.30 19.68
C PRO A 29 4.23 -3.61 20.11
N LEU A 30 5.09 -3.87 19.13
CA LEU A 30 6.49 -4.18 19.40
C LEU A 30 7.32 -2.90 19.51
N PRO A 31 8.48 -3.00 20.16
CA PRO A 31 9.39 -1.86 20.33
C PRO A 31 10.05 -1.44 19.03
N PHE A 32 10.01 -2.32 18.04
CA PHE A 32 10.60 -2.04 16.74
C PHE A 32 12.06 -1.61 16.89
N GLY A 33 12.82 -2.36 17.68
CA GLY A 33 14.22 -2.04 17.89
C GLY A 33 15.00 -3.20 18.47
N TRP A 1 -0.22 -5.72 -21.07
CA TRP A 1 -1.40 -5.90 -21.90
C TRP A 1 -2.66 -5.94 -21.05
N GLY A 2 -3.82 -5.77 -21.69
CA GLY A 2 -5.07 -5.79 -20.97
C GLY A 2 -5.46 -4.42 -20.45
N TRP A 3 -6.66 -3.97 -20.81
CA TRP A 3 -7.15 -2.67 -20.37
C TRP A 3 -7.17 -2.57 -18.85
N LYS A 4 -7.59 -3.66 -18.20
CA LYS A 4 -7.65 -3.70 -16.75
C LYS A 4 -6.29 -3.41 -16.13
N GLU A 5 -5.23 -3.74 -16.87
CA GLU A 5 -3.87 -3.51 -16.39
C GLU A 5 -3.49 -2.04 -16.49
N VAL A 6 -4.05 -1.36 -17.48
CA VAL A 6 -3.78 0.06 -17.68
C VAL A 6 -4.27 0.89 -16.51
N VAL A 7 -5.44 0.52 -15.98
CA VAL A 7 -6.02 1.22 -14.84
C VAL A 7 -5.24 0.94 -13.55
N GLN A 8 -4.72 -0.28 -13.45
CA GLN A 8 -3.96 -0.68 -12.27
C GLN A 8 -2.82 0.30 -12.01
N ASN A 9 -2.24 0.83 -13.08
CA ASN A 9 -1.14 1.78 -12.96
C ASN A 9 -1.61 3.08 -12.32
N GLY A 10 -2.88 3.40 -12.51
CA GLY A 10 -3.43 4.62 -11.93
C GLY A 10 -3.95 4.42 -10.53
N GLN A 11 -4.42 3.21 -10.23
CA GLN A 11 -4.94 2.89 -8.91
C GLN A 11 -3.82 2.50 -7.96
N THR A 12 -2.75 1.94 -8.51
CA THR A 12 -1.61 1.52 -7.70
C THR A 12 -1.13 2.65 -6.79
N ILE A 13 -1.28 3.88 -7.26
CA ILE A 13 -0.87 5.05 -6.49
C ILE A 13 -1.76 5.24 -5.26
N PHE A 14 -3.05 5.02 -5.44
CA PHE A 14 -4.01 5.17 -4.33
C PHE A 14 -3.95 3.97 -3.41
N SER A 15 -4.09 2.77 -3.99
CA SER A 15 -4.06 1.54 -3.21
C SER A 15 -2.77 1.42 -2.42
N ALA A 16 -1.70 2.05 -2.93
CA ALA A 16 -0.40 2.03 -2.27
C ALA A 16 -0.50 2.59 -0.86
N GLY A 17 -1.45 3.51 -0.65
CA GLY A 17 -1.62 4.11 0.66
C GLY A 17 -1.75 3.09 1.76
N GLN A 18 -2.32 1.93 1.43
CA GLN A 18 -2.52 0.87 2.40
C GLN A 18 -1.31 -0.08 2.42
N LYS A 19 -0.87 -0.49 1.24
CA LYS A 19 0.27 -1.39 1.13
C LYS A 19 1.51 -0.80 1.79
N LEU A 20 1.63 0.52 1.72
CA LEU A 20 2.77 1.22 2.32
C LEU A 20 2.47 1.59 3.77
N GLY A 21 1.36 1.08 4.29
CA GLY A 21 0.98 1.37 5.66
C GLY A 21 0.47 0.14 6.39
N ASN A 22 0.62 -1.03 5.76
CA ASN A 22 0.17 -2.29 6.36
C ASN A 22 1.22 -2.83 7.32
N MET A 23 2.43 -3.04 6.83
CA MET A 23 3.51 -3.56 7.64
C MET A 23 3.99 -2.51 8.64
N VAL A 24 3.72 -1.25 8.34
CA VAL A 24 4.12 -0.14 9.21
C VAL A 24 3.30 -0.14 10.49
N GLY A 25 1.98 -0.02 10.35
CA GLY A 25 1.10 0.01 11.49
C GLY A 25 0.64 -1.38 11.91
N LYS A 26 1.27 -2.41 11.33
CA LYS A 26 0.92 -3.78 11.65
C LYS A 26 0.90 -4.02 13.15
N ILE A 27 1.80 -3.34 13.86
CA ILE A 27 1.87 -3.47 15.31
C ILE A 27 2.37 -2.19 15.96
N VAL A 28 1.74 -1.81 17.06
CA VAL A 28 2.11 -0.59 17.78
C VAL A 28 3.62 -0.56 18.06
N PRO A 29 4.16 0.65 18.24
CA PRO A 29 5.59 0.84 18.53
C PRO A 29 5.97 0.35 19.92
N LEU A 30 7.26 0.35 20.20
CA LEU A 30 7.77 -0.10 21.50
C LEU A 30 7.39 0.89 22.60
N PRO A 31 7.42 0.43 23.85
CA PRO A 31 7.09 1.26 25.02
C PRO A 31 8.15 2.33 25.28
N PHE A 32 9.38 2.06 24.88
CA PHE A 32 10.47 3.00 25.08
C PHE A 32 10.28 4.25 24.22
N GLY A 33 9.69 4.06 23.04
CA GLY A 33 9.45 5.17 22.15
C GLY A 33 8.33 4.90 21.17
N TRP A 1 -0.17 -2.12 -24.10
CA TRP A 1 -0.73 -3.22 -24.87
C TRP A 1 -1.85 -3.91 -24.11
N GLY A 2 -2.75 -3.11 -23.54
CA GLY A 2 -3.86 -3.67 -22.78
C GLY A 2 -4.44 -2.68 -21.79
N TRP A 3 -5.74 -2.42 -21.89
CA TRP A 3 -6.41 -1.48 -20.99
C TRP A 3 -6.28 -1.93 -19.54
N LYS A 4 -6.44 -3.22 -19.31
CA LYS A 4 -6.34 -3.79 -17.97
C LYS A 4 -4.97 -3.51 -17.37
N GLU A 5 -3.93 -3.66 -18.18
CA GLU A 5 -2.57 -3.42 -17.73
C GLU A 5 -2.38 -1.97 -17.29
N VAL A 6 -3.19 -1.08 -17.85
CA VAL A 6 -3.11 0.34 -17.51
C VAL A 6 -3.63 0.60 -16.09
N VAL A 7 -4.78 0.03 -15.77
CA VAL A 7 -5.37 0.18 -14.45
C VAL A 7 -4.49 -0.43 -13.37
N GLN A 8 -3.75 -1.47 -13.75
CA GLN A 8 -2.86 -2.14 -12.81
C GLN A 8 -1.91 -1.16 -12.13
N ASN A 9 -1.47 -0.17 -12.90
CA ASN A 9 -0.56 0.85 -12.38
C ASN A 9 -1.29 1.81 -11.46
N GLY A 10 -2.60 1.95 -11.66
CA GLY A 10 -3.39 2.84 -10.83
C GLY A 10 -3.83 2.19 -9.55
N GLN A 11 -4.06 0.88 -9.59
CA GLN A 11 -4.50 0.14 -8.41
C GLN A 11 -3.30 -0.30 -7.57
N THR A 12 -2.23 -0.71 -8.25
CA THR A 12 -1.02 -1.16 -7.57
C THR A 12 -0.54 -0.13 -6.55
N ILE A 13 -0.83 1.13 -6.82
CA ILE A 13 -0.44 2.21 -5.94
C ILE A 13 -1.53 2.53 -4.92
N PHE A 14 -2.77 2.22 -5.29
CA PHE A 14 -3.91 2.47 -4.41
C PHE A 14 -4.00 1.41 -3.32
N SER A 15 -4.09 0.15 -3.74
CA SER A 15 -4.19 -0.96 -2.79
C SER A 15 -3.01 -0.95 -1.82
N ALA A 16 -1.85 -0.53 -2.31
CA ALA A 16 -0.64 -0.48 -1.50
C ALA A 16 -0.79 0.55 -0.37
N GLY A 17 -1.65 1.54 -0.60
CA GLY A 17 -1.86 2.57 0.41
C GLY A 17 -2.31 2.00 1.74
N GLN A 18 -2.91 0.82 1.70
CA GLN A 18 -3.39 0.16 2.92
C GLN A 18 -2.24 -0.52 3.66
N LYS A 19 -1.43 -1.27 2.92
CA LYS A 19 -0.30 -1.97 3.50
C LYS A 19 0.78 -0.99 3.94
N LEU A 20 0.94 0.09 3.17
CA LEU A 20 1.95 1.11 3.48
C LEU A 20 1.37 2.18 4.41
N GLY A 21 0.16 1.92 4.91
CA GLY A 21 -0.48 2.87 5.80
C GLY A 21 -1.22 2.19 6.94
N ASN A 22 -1.01 0.89 7.08
CA ASN A 22 -1.67 0.11 8.13
C ASN A 22 -0.91 0.25 9.45
N MET A 23 0.37 -0.12 9.43
CA MET A 23 1.20 -0.04 10.63
C MET A 23 1.52 1.42 10.97
N VAL A 24 1.43 2.29 9.98
CA VAL A 24 1.69 3.71 10.18
C VAL A 24 0.63 4.36 11.05
N GLY A 25 -0.62 4.29 10.60
CA GLY A 25 -1.71 4.88 11.35
C GLY A 25 -2.09 4.05 12.56
N LYS A 26 -1.45 2.89 12.72
CA LYS A 26 -1.72 2.01 13.85
C LYS A 26 -0.47 1.84 14.71
N ILE A 27 -0.64 1.18 15.85
CA ILE A 27 0.47 0.94 16.76
C ILE A 27 1.59 0.16 16.07
N VAL A 28 2.79 0.28 16.61
CA VAL A 28 3.95 -0.42 16.06
C VAL A 28 4.88 -0.92 17.16
N PRO A 29 5.67 -1.95 16.85
CA PRO A 29 6.61 -2.55 17.80
C PRO A 29 7.78 -1.62 18.09
N LEU A 30 8.54 -1.95 19.13
CA LEU A 30 9.69 -1.14 19.53
C LEU A 30 11.00 -1.82 19.11
N PRO A 31 12.08 -1.02 19.02
CA PRO A 31 13.40 -1.53 18.63
C PRO A 31 14.01 -2.41 19.71
N PHE A 32 13.92 -1.97 20.96
CA PHE A 32 14.48 -2.71 22.08
C PHE A 32 13.36 -3.24 22.98
N GLY A 33 12.26 -2.51 23.05
CA GLY A 33 11.15 -2.92 23.88
C GLY A 33 10.50 -4.19 23.39
N TRP A 1 -1.63 -7.06 -24.02
CA TRP A 1 -1.49 -5.75 -23.38
C TRP A 1 -2.72 -4.89 -23.62
N GLY A 2 -3.04 -4.05 -22.64
CA GLY A 2 -4.20 -3.18 -22.76
C GLY A 2 -4.31 -2.20 -21.61
N TRP A 3 -5.51 -1.68 -21.39
CA TRP A 3 -5.75 -0.72 -20.32
C TRP A 3 -5.68 -1.39 -18.96
N LYS A 4 -6.02 -2.68 -18.93
CA LYS A 4 -6.00 -3.44 -17.68
C LYS A 4 -4.59 -3.48 -17.09
N GLU A 5 -3.59 -3.54 -17.97
CA GLU A 5 -2.20 -3.58 -17.54
C GLU A 5 -1.76 -2.22 -17.00
N VAL A 6 -2.39 -1.16 -17.50
CA VAL A 6 -2.06 0.20 -17.07
C VAL A 6 -2.65 0.50 -15.70
N VAL A 7 -3.79 -0.11 -15.41
CA VAL A 7 -4.46 0.08 -14.12
C VAL A 7 -3.63 -0.50 -12.98
N GLN A 8 -2.86 -1.53 -13.28
CA GLN A 8 -2.02 -2.18 -12.28
C GLN A 8 -1.10 -1.17 -11.61
N ASN A 9 -0.75 -0.11 -12.34
CA ASN A 9 0.13 0.92 -11.81
C ASN A 9 -0.65 1.88 -10.91
N GLY A 10 -1.95 1.99 -11.16
CA GLY A 10 -2.77 2.88 -10.36
C GLY A 10 -3.36 2.19 -9.15
N GLN A 11 -3.45 0.86 -9.22
CA GLN A 11 -4.01 0.08 -8.11
C GLN A 11 -2.93 -0.24 -7.09
N THR A 12 -1.71 -0.46 -7.55
CA THR A 12 -0.59 -0.78 -6.67
C THR A 12 -0.42 0.29 -5.60
N ILE A 13 -0.86 1.51 -5.90
CA ILE A 13 -0.76 2.62 -4.97
C ILE A 13 -2.00 2.73 -4.09
N PHE A 14 -3.13 2.23 -4.62
CA PHE A 14 -4.39 2.27 -3.89
C PHE A 14 -4.47 1.13 -2.88
N SER A 15 -4.33 -0.09 -3.37
CA SER A 15 -4.40 -1.27 -2.50
C SER A 15 -3.29 -1.22 -1.44
N ALA A 16 -2.20 -0.54 -1.77
CA ALA A 16 -1.07 -0.41 -0.85
C ALA A 16 -1.47 0.36 0.40
N GLY A 17 -2.42 1.27 0.26
CA GLY A 17 -2.88 2.06 1.39
C GLY A 17 -3.44 1.22 2.50
N GLN A 18 -3.92 0.02 2.15
CA GLN A 18 -4.50 -0.89 3.14
C GLN A 18 -3.40 -1.67 3.85
N LYS A 19 -2.38 -2.07 3.11
CA LYS A 19 -1.26 -2.82 3.67
C LYS A 19 -0.45 -1.95 4.61
N LEU A 20 0.05 -0.84 4.10
CA LEU A 20 0.85 0.09 4.90
C LEU A 20 0.07 0.56 6.13
N GLY A 21 -1.25 0.56 6.02
CA GLY A 21 -2.09 0.99 7.12
C GLY A 21 -1.84 0.20 8.39
N ASN A 22 -1.23 -0.97 8.23
CA ASN A 22 -0.93 -1.84 9.38
C ASN A 22 0.00 -1.13 10.36
N MET A 23 1.02 -0.46 9.82
CA MET A 23 1.98 0.26 10.66
C MET A 23 1.43 1.62 11.07
N VAL A 24 0.55 2.18 10.25
CA VAL A 24 -0.05 3.47 10.54
C VAL A 24 -1.07 3.36 11.68
N GLY A 25 -2.06 2.49 11.51
CA GLY A 25 -3.07 2.31 12.52
C GLY A 25 -2.62 1.39 13.64
N LYS A 26 -1.44 0.80 13.47
CA LYS A 26 -0.88 -0.12 14.47
C LYS A 26 0.64 -0.08 14.46
N ILE A 27 1.20 0.72 15.36
CA ILE A 27 2.65 0.85 15.45
C ILE A 27 3.29 -0.44 15.94
N VAL A 28 4.46 -0.76 15.41
CA VAL A 28 5.17 -1.97 15.79
C VAL A 28 5.31 -2.07 17.31
N PRO A 29 5.47 -3.31 17.80
CA PRO A 29 5.63 -3.56 19.24
C PRO A 29 6.96 -3.06 19.78
N LEU A 30 7.98 -3.04 18.92
CA LEU A 30 9.30 -2.58 19.32
C LEU A 30 9.22 -1.20 19.98
N PRO A 31 10.28 -0.84 20.72
CA PRO A 31 10.35 0.45 21.42
C PRO A 31 10.52 1.61 20.46
N PHE A 32 11.07 1.33 19.27
CA PHE A 32 11.29 2.36 18.27
C PHE A 32 9.98 3.11 17.97
N GLY A 33 8.86 2.42 18.11
CA GLY A 33 7.58 3.04 17.86
C GLY A 33 7.44 3.52 16.43
N TRP A 1 -0.22 -4.60 -22.77
CA TRP A 1 -0.59 -3.29 -23.32
C TRP A 1 -2.09 -3.21 -23.56
N GLY A 2 -2.84 -2.94 -22.50
CA GLY A 2 -4.28 -2.83 -22.62
C GLY A 2 -4.92 -2.23 -21.38
N TRP A 3 -6.24 -2.08 -21.41
CA TRP A 3 -6.97 -1.52 -20.28
C TRP A 3 -6.64 -2.25 -18.99
N LYS A 4 -6.37 -3.55 -19.11
CA LYS A 4 -6.03 -4.37 -17.95
C LYS A 4 -4.78 -3.84 -17.27
N GLU A 5 -3.76 -3.54 -18.06
CA GLU A 5 -2.50 -3.02 -17.52
C GLU A 5 -2.66 -1.60 -17.02
N VAL A 6 -3.51 -0.82 -17.70
CA VAL A 6 -3.76 0.56 -17.32
C VAL A 6 -4.25 0.65 -15.88
N VAL A 7 -5.31 -0.08 -15.58
CA VAL A 7 -5.89 -0.08 -14.25
C VAL A 7 -4.91 -0.68 -13.23
N GLN A 8 -4.18 -1.71 -13.65
CA GLN A 8 -3.21 -2.36 -12.78
C GLN A 8 -2.21 -1.35 -12.22
N ASN A 9 -2.01 -0.26 -12.95
CA ASN A 9 -1.07 0.78 -12.52
C ASN A 9 -1.74 1.73 -11.53
N GLY A 10 -3.06 1.84 -11.62
CA GLY A 10 -3.79 2.71 -10.73
C GLY A 10 -4.16 2.04 -9.42
N GLN A 11 -4.31 0.73 -9.45
CA GLN A 11 -4.66 -0.03 -8.26
C GLN A 11 -3.41 -0.41 -7.48
N THR A 12 -2.35 -0.76 -8.19
CA THR A 12 -1.09 -1.16 -7.57
C THR A 12 -0.63 -0.11 -6.57
N ILE A 13 -0.99 1.15 -6.82
CA ILE A 13 -0.61 2.24 -5.94
C ILE A 13 -1.68 2.50 -4.89
N PHE A 14 -2.93 2.18 -5.24
CA PHE A 14 -4.05 2.37 -4.33
C PHE A 14 -4.04 1.31 -3.22
N SER A 15 -4.08 0.04 -3.61
CA SER A 15 -4.09 -1.06 -2.66
C SER A 15 -2.87 -0.98 -1.75
N ALA A 16 -1.74 -0.56 -2.31
CA ALA A 16 -0.50 -0.45 -1.54
C ALA A 16 -0.60 0.67 -0.51
N GLY A 17 -1.30 1.75 -0.87
CA GLY A 17 -1.45 2.86 0.04
C GLY A 17 -1.96 2.44 1.41
N GLN A 18 -2.73 1.36 1.44
CA GLN A 18 -3.28 0.85 2.69
C GLN A 18 -2.34 -0.17 3.33
N LYS A 19 -1.54 -0.83 2.49
CA LYS A 19 -0.60 -1.83 2.96
C LYS A 19 0.45 -1.20 3.87
N LEU A 20 1.24 -0.29 3.32
CA LEU A 20 2.28 0.39 4.07
C LEU A 20 1.68 1.21 5.22
N GLY A 21 0.55 1.85 4.94
CA GLY A 21 -0.11 2.65 5.96
C GLY A 21 -0.32 1.90 7.25
N ASN A 22 -0.82 0.67 7.15
CA ASN A 22 -1.07 -0.15 8.33
C ASN A 22 0.20 -0.30 9.16
N MET A 23 1.35 -0.23 8.50
CA MET A 23 2.63 -0.36 9.18
C MET A 23 3.05 0.97 9.80
N VAL A 24 2.73 2.07 9.12
CA VAL A 24 3.07 3.40 9.60
C VAL A 24 2.36 3.71 10.91
N GLY A 25 1.03 3.66 10.88
CA GLY A 25 0.25 3.94 12.06
C GLY A 25 0.27 2.80 13.06
N LYS A 26 0.93 1.70 12.69
CA LYS A 26 1.03 0.54 13.56
C LYS A 26 1.53 0.93 14.94
N ILE A 27 0.97 0.31 15.97
CA ILE A 27 1.36 0.59 17.35
C ILE A 27 2.18 -0.55 17.93
N VAL A 28 3.16 -0.20 18.76
CA VAL A 28 4.02 -1.19 19.39
C VAL A 28 4.57 -0.69 20.72
N PRO A 29 4.95 -1.62 21.60
CA PRO A 29 5.50 -1.29 22.92
C PRO A 29 6.89 -0.68 22.83
N LEU A 30 7.65 -1.09 21.82
CA LEU A 30 9.01 -0.58 21.63
C LEU A 30 9.07 0.35 20.42
N PRO A 31 10.10 1.20 20.38
CA PRO A 31 10.30 2.15 19.28
C PRO A 31 10.69 1.46 17.98
N PHE A 32 9.79 1.50 17.00
CA PHE A 32 10.05 0.88 15.70
C PHE A 32 9.90 1.89 14.58
N GLY A 33 8.92 2.78 14.71
CA GLY A 33 8.68 3.79 13.70
C GLY A 33 7.51 4.68 14.03
N TRP A 1 1.14 -5.56 -24.72
CA TRP A 1 0.51 -4.39 -24.14
C TRP A 1 -0.99 -4.62 -23.93
N GLY A 2 -1.50 -4.18 -22.78
CA GLY A 2 -2.91 -4.34 -22.48
C GLY A 2 -3.42 -3.35 -21.46
N TRP A 3 -4.70 -3.03 -21.53
CA TRP A 3 -5.30 -2.08 -20.61
C TRP A 3 -5.41 -2.66 -19.20
N LYS A 4 -5.49 -3.99 -19.13
CA LYS A 4 -5.59 -4.68 -17.85
C LYS A 4 -4.38 -4.37 -16.96
N GLU A 5 -3.22 -4.23 -17.59
CA GLU A 5 -1.99 -3.93 -16.86
C GLU A 5 -1.94 -2.45 -16.48
N VAL A 6 -2.53 -1.61 -17.33
CA VAL A 6 -2.54 -0.18 -17.09
C VAL A 6 -3.15 0.15 -15.73
N VAL A 7 -4.26 -0.50 -15.42
CA VAL A 7 -4.95 -0.29 -14.15
C VAL A 7 -4.08 -0.72 -12.97
N GLN A 8 -3.31 -1.78 -13.17
CA GLN A 8 -2.42 -2.29 -12.13
C GLN A 8 -1.50 -1.20 -11.63
N ASN A 9 -1.18 -0.24 -12.49
CA ASN A 9 -0.30 0.87 -12.13
C ASN A 9 -1.00 1.85 -11.22
N GLY A 10 -2.32 1.92 -11.33
CA GLY A 10 -3.09 2.83 -10.49
C GLY A 10 -3.51 2.20 -9.18
N GLN A 11 -3.68 0.88 -9.19
CA GLN A 11 -4.08 0.15 -7.99
C GLN A 11 -2.88 -0.17 -7.11
N THR A 12 -1.74 -0.43 -7.75
CA THR A 12 -0.53 -0.76 -7.04
C THR A 12 -0.21 0.29 -5.97
N ILE A 13 -0.60 1.53 -6.26
CA ILE A 13 -0.37 2.63 -5.32
C ILE A 13 -1.56 2.83 -4.40
N PHE A 14 -2.73 2.42 -4.86
CA PHE A 14 -3.95 2.55 -4.08
C PHE A 14 -3.97 1.56 -2.92
N SER A 15 -3.86 0.28 -3.25
CA SER A 15 -3.86 -0.77 -2.24
C SER A 15 -2.68 -0.62 -1.29
N ALA A 16 -1.50 -0.36 -1.85
CA ALA A 16 -0.30 -0.19 -1.06
C ALA A 16 -0.47 0.91 -0.02
N GLY A 17 -1.39 1.84 -0.30
CA GLY A 17 -1.63 2.93 0.62
C GLY A 17 -2.07 2.45 1.99
N GLN A 18 -2.54 1.21 2.05
CA GLN A 18 -3.00 0.63 3.32
C GLN A 18 -1.84 -0.03 4.06
N LYS A 19 -1.05 -0.82 3.34
CA LYS A 19 0.08 -1.51 3.93
C LYS A 19 1.18 -0.51 4.33
N LEU A 20 1.29 0.57 3.57
CA LEU A 20 2.29 1.59 3.84
C LEU A 20 1.75 2.64 4.80
N GLY A 21 0.57 2.37 5.36
CA GLY A 21 -0.03 3.30 6.30
C GLY A 21 -0.71 2.60 7.47
N ASN A 22 -0.47 1.30 7.58
CA ASN A 22 -1.05 0.50 8.66
C ASN A 22 -0.24 0.63 9.93
N MET A 23 1.04 0.29 9.84
CA MET A 23 1.94 0.37 11.00
C MET A 23 2.26 1.83 11.34
N VAL A 24 2.08 2.71 10.36
CA VAL A 24 2.35 4.13 10.56
C VAL A 24 1.33 4.76 11.49
N GLY A 25 0.06 4.67 11.11
CA GLY A 25 -1.00 5.23 11.93
C GLY A 25 -1.28 4.40 13.17
N LYS A 26 -0.62 3.25 13.27
CA LYS A 26 -0.80 2.37 14.41
C LYS A 26 0.44 2.34 15.29
N ILE A 27 0.27 2.67 16.56
CA ILE A 27 1.39 2.70 17.51
C ILE A 27 1.59 1.32 18.14
N VAL A 28 2.85 0.93 18.30
CA VAL A 28 3.18 -0.36 18.89
C VAL A 28 4.32 -0.22 19.90
N PRO A 29 4.39 -1.16 20.85
CA PRO A 29 5.43 -1.18 21.89
C PRO A 29 6.81 -1.50 21.32
N LEU A 30 6.83 -2.25 20.23
CA LEU A 30 8.08 -2.63 19.58
C LEU A 30 8.22 -1.99 18.21
N PRO A 31 8.49 -0.67 18.20
CA PRO A 31 8.65 0.09 16.96
C PRO A 31 9.92 -0.28 16.21
N PHE A 32 9.79 -1.21 15.27
CA PHE A 32 10.94 -1.65 14.47
C PHE A 32 11.06 -0.84 13.19
N GLY A 33 9.92 -0.35 12.70
CA GLY A 33 9.93 0.44 11.48
C GLY A 33 8.84 1.49 11.47
N TRP A 1 -0.46 -7.51 -20.82
CA TRP A 1 -1.42 -7.64 -21.90
C TRP A 1 -2.85 -7.76 -21.36
N GLY A 2 -3.50 -6.61 -21.17
CA GLY A 2 -4.85 -6.61 -20.66
C GLY A 2 -5.10 -5.49 -19.67
N TRP A 3 -6.32 -4.95 -19.69
CA TRP A 3 -6.67 -3.86 -18.78
C TRP A 3 -6.35 -4.22 -17.33
N LYS A 4 -6.70 -5.45 -16.94
CA LYS A 4 -6.44 -5.92 -15.59
C LYS A 4 -4.98 -5.71 -15.21
N GLU A 5 -4.07 -6.05 -16.12
CA GLU A 5 -2.65 -5.90 -15.88
C GLU A 5 -2.26 -4.43 -15.81
N VAL A 6 -3.03 -3.59 -16.49
CA VAL A 6 -2.76 -2.16 -16.52
C VAL A 6 -3.23 -1.50 -15.22
N VAL A 7 -4.27 -2.06 -14.61
CA VAL A 7 -4.81 -1.52 -13.37
C VAL A 7 -3.80 -1.64 -12.24
N GLN A 8 -2.92 -2.64 -12.33
CA GLN A 8 -1.91 -2.86 -11.31
C GLN A 8 -1.11 -1.58 -11.05
N ASN A 9 -0.73 -0.89 -12.11
CA ASN A 9 0.03 0.35 -12.00
C ASN A 9 -0.80 1.44 -11.32
N GLY A 10 -2.13 1.32 -11.44
CA GLY A 10 -3.01 2.30 -10.85
C GLY A 10 -3.35 1.96 -9.41
N GLN A 11 -3.29 0.68 -9.07
CA GLN A 11 -3.60 0.23 -7.72
C GLN A 11 -2.38 0.31 -6.83
N THR A 12 -1.23 -0.06 -7.38
CA THR A 12 0.03 -0.03 -6.64
C THR A 12 0.25 1.32 -5.97
N ILE A 13 -0.26 2.37 -6.60
CA ILE A 13 -0.13 3.73 -6.07
C ILE A 13 -1.32 4.10 -5.19
N PHE A 14 -2.46 3.45 -5.45
CA PHE A 14 -3.67 3.72 -4.68
C PHE A 14 -3.59 3.05 -3.29
N SER A 15 -3.41 1.74 -3.30
CA SER A 15 -3.32 0.98 -2.05
C SER A 15 -2.22 1.54 -1.14
N ALA A 16 -1.21 2.14 -1.76
CA ALA A 16 -0.10 2.73 -1.01
C ALA A 16 -0.59 3.80 -0.05
N GLY A 17 -1.74 4.39 -0.36
CA GLY A 17 -2.30 5.43 0.48
C GLY A 17 -2.53 4.95 1.90
N GLN A 18 -2.64 3.64 2.07
CA GLN A 18 -2.87 3.05 3.39
C GLN A 18 -1.55 2.73 4.08
N LYS A 19 -0.57 2.29 3.30
CA LYS A 19 0.75 1.95 3.84
C LYS A 19 1.55 3.21 4.15
N LEU A 20 1.25 4.28 3.43
CA LEU A 20 1.95 5.55 3.62
C LEU A 20 1.16 6.46 4.57
N GLY A 21 0.12 5.91 5.17
CA GLY A 21 -0.69 6.69 6.09
C GLY A 21 -0.90 5.98 7.42
N ASN A 22 -1.01 4.65 7.37
CA ASN A 22 -1.22 3.86 8.58
C ASN A 22 0.06 3.78 9.40
N MET A 23 1.20 3.78 8.71
CA MET A 23 2.50 3.71 9.38
C MET A 23 2.87 5.05 9.98
N VAL A 24 2.33 6.13 9.41
CA VAL A 24 2.61 7.47 9.89
C VAL A 24 1.98 7.71 11.26
N GLY A 25 0.66 7.56 11.33
CA GLY A 25 -0.05 7.75 12.58
C GLY A 25 0.05 6.56 13.50
N LYS A 26 0.74 5.52 13.04
CA LYS A 26 0.91 4.30 13.83
C LYS A 26 1.44 4.63 15.22
N ILE A 27 1.22 3.70 16.15
CA ILE A 27 1.68 3.89 17.53
C ILE A 27 3.11 3.38 17.71
N VAL A 28 3.27 2.07 17.71
CA VAL A 28 4.58 1.46 17.87
C VAL A 28 4.87 0.48 16.74
N PRO A 29 6.17 0.25 16.48
CA PRO A 29 6.61 -0.66 15.43
C PRO A 29 6.31 -2.12 15.73
N LEU A 30 6.47 -2.98 14.74
CA LEU A 30 6.21 -4.41 14.92
C LEU A 30 7.01 -4.97 16.08
N PRO A 31 6.58 -6.13 16.60
CA PRO A 31 7.24 -6.80 17.72
C PRO A 31 8.60 -7.37 17.33
N PHE A 32 8.71 -7.85 16.10
CA PHE A 32 9.96 -8.43 15.61
C PHE A 32 10.67 -7.46 14.68
N GLY A 33 9.94 -6.93 13.70
CA GLY A 33 10.52 -5.99 12.77
C GLY A 33 10.88 -6.64 11.45
N TRP A 1 -2.33 -9.67 -16.96
CA TRP A 1 -2.38 -9.19 -18.34
C TRP A 1 -3.81 -8.91 -18.78
N GLY A 2 -4.09 -7.68 -19.19
CA GLY A 2 -5.41 -7.32 -19.63
C GLY A 2 -5.90 -6.02 -19.01
N TRP A 3 -7.16 -5.70 -19.24
CA TRP A 3 -7.74 -4.47 -18.71
C TRP A 3 -7.53 -4.38 -17.20
N LYS A 4 -7.47 -5.54 -16.55
CA LYS A 4 -7.27 -5.59 -15.10
C LYS A 4 -5.89 -5.06 -14.72
N GLU A 5 -4.91 -5.34 -15.57
CA GLU A 5 -3.54 -4.88 -15.33
C GLU A 5 -3.44 -3.37 -15.47
N VAL A 6 -4.24 -2.80 -16.36
CA VAL A 6 -4.24 -1.36 -16.58
C VAL A 6 -4.61 -0.60 -15.32
N VAL A 7 -5.76 -0.94 -14.75
CA VAL A 7 -6.23 -0.29 -13.54
C VAL A 7 -5.26 -0.52 -12.38
N GLN A 8 -4.61 -1.67 -12.39
CA GLN A 8 -3.65 -2.00 -11.34
C GLN A 8 -2.58 -0.93 -11.21
N ASN A 9 -2.21 -0.33 -12.34
CA ASN A 9 -1.20 0.73 -12.35
C ASN A 9 -1.73 1.99 -11.70
N GLY A 10 -3.04 2.18 -11.74
CA GLY A 10 -3.65 3.35 -11.15
C GLY A 10 -4.04 3.14 -9.70
N GLN A 11 -4.30 1.89 -9.33
CA GLN A 11 -4.68 1.56 -7.97
C GLN A 11 -3.45 1.31 -7.10
N THR A 12 -2.37 0.89 -7.74
CA THR A 12 -1.12 0.62 -7.02
C THR A 12 -0.63 1.85 -6.30
N ILE A 13 -1.01 3.03 -6.80
CA ILE A 13 -0.61 4.29 -6.19
C ILE A 13 -1.58 4.71 -5.10
N PHE A 14 -2.87 4.47 -5.35
CA PHE A 14 -3.91 4.82 -4.39
C PHE A 14 -3.86 3.92 -3.16
N SER A 15 -3.87 2.61 -3.40
CA SER A 15 -3.83 1.65 -2.30
C SER A 15 -2.56 1.83 -1.47
N ALA A 16 -1.48 2.23 -2.13
CA ALA A 16 -0.21 2.44 -1.45
C ALA A 16 -0.34 3.51 -0.37
N GLY A 17 -1.32 4.39 -0.52
CA GLY A 17 -1.52 5.45 0.45
C GLY A 17 -1.83 4.92 1.84
N GLN A 18 -2.21 3.64 1.91
CA GLN A 18 -2.53 3.01 3.18
C GLN A 18 -1.29 2.38 3.81
N LYS A 19 -0.49 1.70 2.98
CA LYS A 19 0.72 1.07 3.45
C LYS A 19 1.80 2.09 3.78
N LEU A 20 1.80 3.19 3.04
CA LEU A 20 2.78 4.26 3.25
C LEU A 20 2.78 4.71 4.71
N GLY A 21 1.63 4.58 5.37
CA GLY A 21 1.53 4.96 6.76
C GLY A 21 2.46 4.18 7.67
N ASN A 22 2.97 3.07 7.14
CA ASN A 22 3.88 2.22 7.91
C ASN A 22 5.15 2.98 8.29
N MET A 23 5.70 3.73 7.34
CA MET A 23 6.91 4.51 7.58
C MET A 23 6.57 5.82 8.29
N VAL A 24 5.37 6.34 8.03
CA VAL A 24 4.94 7.59 8.64
C VAL A 24 4.67 7.42 10.13
N GLY A 25 3.80 6.46 10.46
CA GLY A 25 3.48 6.20 11.85
C GLY A 25 4.45 5.26 12.51
N LYS A 26 5.32 4.66 11.71
CA LYS A 26 6.32 3.72 12.22
C LYS A 26 5.66 2.66 13.10
N ILE A 27 4.97 1.72 12.47
CA ILE A 27 4.31 0.64 13.20
C ILE A 27 4.64 -0.71 12.61
N VAL A 28 4.66 -1.74 13.46
CA VAL A 28 4.96 -3.10 13.03
C VAL A 28 3.77 -4.02 13.20
N PRO A 29 3.72 -5.10 12.42
CA PRO A 29 2.64 -6.08 12.47
C PRO A 29 2.65 -6.90 13.76
N LEU A 30 3.81 -6.93 14.42
CA LEU A 30 3.94 -7.67 15.67
C LEU A 30 3.29 -6.93 16.82
N PRO A 31 3.00 -7.66 17.91
CA PRO A 31 2.37 -7.08 19.10
C PRO A 31 3.31 -6.15 19.86
N PHE A 32 2.99 -4.86 19.83
CA PHE A 32 3.81 -3.87 20.52
C PHE A 32 3.64 -3.97 22.03
N GLY A 33 2.40 -3.98 22.48
CA GLY A 33 2.12 -4.07 23.90
C GLY A 33 0.70 -3.68 24.25
N TRP A 1 -4.65 -9.74 -21.63
CA TRP A 1 -3.93 -9.66 -20.37
C TRP A 1 -2.93 -8.53 -20.38
N GLY A 2 -3.01 -7.66 -19.38
CA GLY A 2 -2.09 -6.54 -19.29
C GLY A 2 -2.70 -5.34 -18.58
N TRP A 3 -3.97 -5.05 -18.89
CA TRP A 3 -4.67 -3.94 -18.27
C TRP A 3 -4.56 -3.99 -16.76
N LYS A 4 -4.83 -5.16 -16.19
CA LYS A 4 -4.76 -5.35 -14.75
C LYS A 4 -3.40 -4.93 -14.21
N GLU A 5 -2.36 -5.15 -15.00
CA GLU A 5 -1.00 -4.80 -14.60
C GLU A 5 -0.75 -3.30 -14.79
N VAL A 6 -1.42 -2.71 -15.78
CA VAL A 6 -1.28 -1.29 -16.07
C VAL A 6 -1.81 -0.44 -14.92
N VAL A 7 -2.89 -0.90 -14.30
CA VAL A 7 -3.49 -0.19 -13.18
C VAL A 7 -2.72 -0.42 -11.90
N GLN A 8 -2.14 -1.61 -11.76
CA GLN A 8 -1.37 -1.96 -10.58
C GLN A 8 -0.30 -0.91 -10.29
N ASN A 9 0.38 -0.47 -11.33
CA ASN A 9 1.43 0.54 -11.19
C ASN A 9 0.85 1.84 -10.64
N GLY A 10 -0.43 2.07 -10.89
CA GLY A 10 -1.08 3.28 -10.42
C GLY A 10 -1.73 3.10 -9.06
N GLN A 11 -2.06 1.86 -8.72
CA GLN A 11 -2.69 1.55 -7.44
C GLN A 11 -1.63 1.36 -6.35
N THR A 12 -0.50 0.79 -6.74
CA THR A 12 0.59 0.55 -5.79
C THR A 12 0.94 1.80 -5.02
N ILE A 13 0.86 2.95 -5.69
CA ILE A 13 1.17 4.23 -5.07
C ILE A 13 -0.08 4.88 -4.48
N PHE A 14 -1.23 4.53 -5.05
CA PHE A 14 -2.51 5.08 -4.59
C PHE A 14 -2.87 4.52 -3.23
N SER A 15 -2.94 3.19 -3.13
CA SER A 15 -3.29 2.53 -1.88
C SER A 15 -2.38 2.99 -0.75
N ALA A 16 -1.12 3.28 -1.08
CA ALA A 16 -0.15 3.73 -0.10
C ALA A 16 -0.66 4.97 0.63
N GLY A 17 -1.53 5.73 -0.03
CA GLY A 17 -2.08 6.93 0.58
C GLY A 17 -2.67 6.67 1.95
N GLN A 18 -3.17 5.46 2.16
CA GLN A 18 -3.76 5.09 3.44
C GLN A 18 -2.72 4.50 4.38
N LYS A 19 -1.92 3.58 3.86
CA LYS A 19 -0.87 2.94 4.64
C LYS A 19 0.11 3.96 5.19
N LEU A 20 0.27 5.07 4.47
CA LEU A 20 1.17 6.14 4.90
C LEU A 20 0.83 6.62 6.30
N GLY A 21 -0.44 6.44 6.69
CA GLY A 21 -0.86 6.87 8.01
C GLY A 21 -1.63 5.79 8.75
N ASN A 22 -1.68 4.60 8.16
CA ASN A 22 -2.39 3.48 8.76
C ASN A 22 -1.51 2.77 9.80
N MET A 23 -0.35 2.32 9.36
CA MET A 23 0.59 1.63 10.24
C MET A 23 1.18 2.60 11.27
N VAL A 24 1.14 3.89 10.94
CA VAL A 24 1.67 4.91 11.83
C VAL A 24 0.79 5.09 13.06
N GLY A 25 -0.48 5.39 12.83
CA GLY A 25 -1.41 5.58 13.92
C GLY A 25 -1.65 4.31 14.71
N LYS A 26 -1.20 3.19 14.16
CA LYS A 26 -1.36 1.89 14.83
C LYS A 26 -0.01 1.23 15.06
N ILE A 27 -0.03 -0.02 15.52
CA ILE A 27 1.19 -0.76 15.78
C ILE A 27 1.12 -2.16 15.18
N VAL A 28 2.26 -2.67 14.73
CA VAL A 28 2.33 -4.00 14.13
C VAL A 28 3.25 -4.91 14.93
N PRO A 29 3.03 -6.22 14.81
CA PRO A 29 3.83 -7.23 15.52
C PRO A 29 5.25 -7.32 14.98
N LEU A 30 5.45 -6.82 13.77
CA LEU A 30 6.77 -6.86 13.14
C LEU A 30 7.69 -5.80 13.75
N PRO A 31 9.00 -6.00 13.59
CA PRO A 31 10.01 -5.08 14.13
C PRO A 31 10.02 -3.73 13.39
N PHE A 32 9.58 -3.75 12.14
CA PHE A 32 9.53 -2.54 11.33
C PHE A 32 8.26 -1.75 11.61
N GLY A 33 8.35 -0.78 12.54
CA GLY A 33 7.21 0.02 12.87
C GLY A 33 7.01 1.19 11.92
N TRP A 1 -8.78 -9.08 -21.07
CA TRP A 1 -7.58 -8.32 -20.71
C TRP A 1 -7.68 -6.89 -21.20
N GLY A 2 -6.86 -6.01 -20.62
CA GLY A 2 -6.88 -4.61 -21.01
C GLY A 2 -6.97 -3.68 -19.82
N TRP A 3 -8.00 -3.83 -19.01
CA TRP A 3 -8.19 -2.99 -17.83
C TRP A 3 -7.29 -3.46 -16.69
N LYS A 4 -6.95 -4.74 -16.70
CA LYS A 4 -6.10 -5.32 -15.65
C LYS A 4 -4.83 -4.50 -15.49
N GLU A 5 -4.13 -4.25 -16.60
CA GLU A 5 -2.90 -3.49 -16.56
C GLU A 5 -3.17 -2.04 -16.14
N VAL A 6 -4.35 -1.54 -16.47
CA VAL A 6 -4.73 -0.19 -16.13
C VAL A 6 -4.84 0.00 -14.62
N VAL A 7 -5.53 -0.93 -13.97
CA VAL A 7 -5.71 -0.88 -12.52
C VAL A 7 -4.38 -1.05 -11.80
N GLN A 8 -3.50 -1.88 -12.37
CA GLN A 8 -2.19 -2.12 -11.77
C GLN A 8 -1.44 -0.81 -11.56
N ASN A 9 -1.76 0.19 -12.37
CA ASN A 9 -1.11 1.49 -12.28
C ASN A 9 -1.76 2.35 -11.21
N GLY A 10 -3.03 2.08 -10.93
CA GLY A 10 -3.76 2.84 -9.94
C GLY A 10 -3.59 2.27 -8.54
N GLN A 11 -3.35 0.95 -8.47
CA GLN A 11 -3.18 0.28 -7.19
C GLN A 11 -1.75 0.43 -6.68
N THR A 12 -0.79 0.43 -7.62
CA THR A 12 0.61 0.57 -7.27
C THR A 12 0.85 1.80 -6.40
N ILE A 13 0.02 2.82 -6.58
CA ILE A 13 0.13 4.05 -5.80
C ILE A 13 -0.75 4.01 -4.56
N PHE A 14 -1.96 3.48 -4.72
CA PHE A 14 -2.90 3.38 -3.61
C PHE A 14 -2.33 2.49 -2.50
N SER A 15 -2.00 1.25 -2.85
CA SER A 15 -1.46 0.30 -1.88
C SER A 15 -0.21 0.87 -1.21
N ALA A 16 0.54 1.68 -1.95
CA ALA A 16 1.75 2.29 -1.42
C ALA A 16 1.42 3.33 -0.36
N GLY A 17 0.24 3.93 -0.47
CA GLY A 17 -0.18 4.94 0.49
C GLY A 17 -0.16 4.43 1.92
N GLN A 18 -0.27 3.11 2.07
CA GLN A 18 -0.28 2.50 3.40
C GLN A 18 1.14 2.17 3.84
N LYS A 19 1.93 1.63 2.92
CA LYS A 19 3.31 1.26 3.21
C LYS A 19 4.17 2.50 3.46
N LEU A 20 3.83 3.60 2.77
CA LEU A 20 4.56 4.84 2.92
C LEU A 20 3.99 5.69 4.05
N GLY A 21 3.06 5.10 4.81
CA GLY A 21 2.45 5.81 5.92
C GLY A 21 2.20 4.92 7.11
N ASN A 22 2.76 3.71 7.07
CA ASN A 22 2.59 2.76 8.17
C ASN A 22 3.59 3.04 9.29
N MET A 23 4.87 3.05 8.96
CA MET A 23 5.92 3.31 9.94
C MET A 23 5.93 4.78 10.35
N VAL A 24 5.38 5.62 9.48
CA VAL A 24 5.33 7.06 9.75
C VAL A 24 4.37 7.37 10.90
N GLY A 25 3.11 6.99 10.72
CA GLY A 25 2.11 7.24 11.74
C GLY A 25 2.19 6.24 12.89
N LYS A 26 3.12 5.29 12.78
CA LYS A 26 3.31 4.28 13.81
C LYS A 26 4.75 3.84 13.89
N ILE A 27 5.46 4.29 14.93
CA ILE A 27 6.85 3.94 15.12
C ILE A 27 7.03 2.44 15.32
N VAL A 28 6.63 1.95 16.48
CA VAL A 28 6.74 0.53 16.79
C VAL A 28 6.11 -0.32 15.69
N PRO A 29 6.55 -1.58 15.59
CA PRO A 29 6.06 -2.52 14.59
C PRO A 29 4.61 -2.95 14.86
N LEU A 30 3.99 -3.58 13.87
CA LEU A 30 2.61 -4.05 14.01
C LEU A 30 2.55 -5.30 14.88
N PRO A 31 1.35 -5.58 15.42
CA PRO A 31 1.11 -6.75 16.28
C PRO A 31 1.20 -8.06 15.50
N PHE A 32 0.79 -8.03 14.23
CA PHE A 32 0.83 -9.21 13.39
C PHE A 32 1.92 -9.11 12.33
N GLY A 33 2.20 -7.87 11.92
CA GLY A 33 3.22 -7.65 10.91
C GLY A 33 2.86 -6.53 9.96
N TRP A 1 -0.61 -3.24 -24.61
CA TRP A 1 -2.01 -3.03 -24.95
C TRP A 1 -2.91 -3.92 -24.10
N GLY A 2 -3.15 -3.49 -22.86
CA GLY A 2 -3.99 -4.26 -21.96
C GLY A 2 -4.62 -3.39 -20.89
N TRP A 3 -5.94 -3.49 -20.76
CA TRP A 3 -6.67 -2.71 -19.77
C TRP A 3 -6.40 -3.23 -18.36
N LYS A 4 -6.55 -4.55 -18.18
CA LYS A 4 -6.32 -5.17 -16.89
C LYS A 4 -4.92 -4.86 -16.37
N GLU A 5 -4.01 -4.59 -17.29
CA GLU A 5 -2.63 -4.27 -16.92
C GLU A 5 -2.51 -2.82 -16.46
N VAL A 6 -3.38 -1.97 -16.99
CA VAL A 6 -3.37 -0.55 -16.63
C VAL A 6 -3.82 -0.35 -15.18
N VAL A 7 -4.84 -1.08 -14.77
CA VAL A 7 -5.36 -0.98 -13.41
C VAL A 7 -4.30 -1.39 -12.40
N GLN A 8 -3.49 -2.37 -12.75
CA GLN A 8 -2.44 -2.86 -11.87
C GLN A 8 -1.52 -1.71 -11.45
N ASN A 9 -1.43 -0.69 -12.29
CA ASN A 9 -0.58 0.47 -12.00
C ASN A 9 -1.31 1.47 -11.11
N GLY A 10 -2.64 1.46 -11.18
CA GLY A 10 -3.43 2.37 -10.37
C GLY A 10 -3.75 1.81 -9.00
N GLN A 11 -3.78 0.48 -8.90
CA GLN A 11 -4.08 -0.17 -7.64
C GLN A 11 -2.80 -0.36 -6.81
N THR A 12 -1.67 -0.48 -7.50
CA THR A 12 -0.40 -0.66 -6.83
C THR A 12 -0.13 0.45 -5.82
N ILE A 13 -0.71 1.62 -6.07
CA ILE A 13 -0.55 2.76 -5.18
C ILE A 13 -1.61 2.77 -4.10
N PHE A 14 -2.84 2.41 -4.47
CA PHE A 14 -3.95 2.37 -3.52
C PHE A 14 -3.73 1.28 -2.47
N SER A 15 -3.56 0.05 -2.94
CA SER A 15 -3.35 -1.08 -2.04
C SER A 15 -2.12 -0.86 -1.16
N ALA A 16 -1.16 -0.10 -1.69
CA ALA A 16 0.07 0.20 -0.96
C ALA A 16 -0.14 1.30 0.05
N GLY A 17 -1.04 2.23 -0.27
CA GLY A 17 -1.32 3.34 0.62
C GLY A 17 -1.84 2.88 1.97
N GLN A 18 -2.56 1.77 1.98
CA GLN A 18 -3.11 1.22 3.22
C GLN A 18 -2.12 0.29 3.90
N LYS A 19 -1.32 -0.41 3.09
CA LYS A 19 -0.32 -1.34 3.60
C LYS A 19 0.76 -0.59 4.38
N LEU A 20 1.40 0.36 3.72
CA LEU A 20 2.46 1.14 4.36
C LEU A 20 1.88 2.08 5.41
N GLY A 21 0.77 2.72 5.08
CA GLY A 21 0.14 3.64 6.01
C GLY A 21 -0.22 2.97 7.33
N ASN A 22 -0.27 1.64 7.32
CA ASN A 22 -0.60 0.89 8.52
C ASN A 22 0.42 1.15 9.63
N MET A 23 1.70 1.15 9.25
CA MET A 23 2.79 1.39 10.19
C MET A 23 2.95 2.89 10.47
N VAL A 24 2.57 3.70 9.50
CA VAL A 24 2.68 5.15 9.63
C VAL A 24 1.63 5.70 10.59
N GLY A 25 0.36 5.43 10.29
CA GLY A 25 -0.72 5.90 11.14
C GLY A 25 -0.95 4.99 12.33
N LYS A 26 -0.22 3.88 12.39
CA LYS A 26 -0.35 2.94 13.48
C LYS A 26 0.97 2.22 13.74
N ILE A 27 1.74 2.72 14.71
CA ILE A 27 3.02 2.13 15.06
C ILE A 27 2.85 0.68 15.55
N VAL A 28 3.75 -0.19 15.13
CA VAL A 28 3.70 -1.59 15.53
C VAL A 28 3.60 -1.73 17.04
N PRO A 29 3.05 -2.87 17.49
CA PRO A 29 2.88 -3.15 18.92
C PRO A 29 4.21 -3.38 19.63
N LEU A 30 5.24 -3.68 18.86
CA LEU A 30 6.57 -3.93 19.41
C LEU A 30 7.35 -2.63 19.56
N PRO A 31 8.37 -2.65 20.43
CA PRO A 31 9.21 -1.47 20.68
C PRO A 31 10.11 -1.14 19.49
N PHE A 32 9.55 -0.39 18.53
CA PHE A 32 10.31 0.00 17.34
C PHE A 32 10.78 -1.23 16.58
N GLY A 33 9.85 -2.12 16.26
CA GLY A 33 10.20 -3.33 15.53
C GLY A 33 9.04 -3.87 14.72
N TRP A 1 -2.83 -7.68 -21.80
CA TRP A 1 -2.17 -6.39 -21.86
C TRP A 1 -3.17 -5.29 -22.20
N GLY A 2 -3.12 -4.19 -21.45
CA GLY A 2 -4.02 -3.08 -21.68
C GLY A 2 -4.36 -2.34 -20.40
N TRP A 3 -5.62 -1.93 -20.28
CA TRP A 3 -6.07 -1.20 -19.10
C TRP A 3 -5.70 -1.94 -17.82
N LYS A 4 -5.86 -3.27 -17.85
CA LYS A 4 -5.54 -4.09 -16.68
C LYS A 4 -4.12 -3.83 -16.21
N GLU A 5 -3.19 -3.72 -17.15
CA GLU A 5 -1.80 -3.46 -16.83
C GLU A 5 -1.57 -2.00 -16.43
N VAL A 6 -2.38 -1.12 -17.00
CA VAL A 6 -2.29 0.31 -16.72
C VAL A 6 -2.73 0.61 -15.29
N VAL A 7 -3.77 -0.09 -14.84
CA VAL A 7 -4.30 0.11 -13.49
C VAL A 7 -3.36 -0.48 -12.44
N GLN A 8 -2.57 -1.47 -12.85
CA GLN A 8 -1.63 -2.12 -11.95
C GLN A 8 -0.68 -1.10 -11.33
N ASN A 9 -0.47 0.01 -12.04
CA ASN A 9 0.41 1.06 -11.55
C ASN A 9 -0.33 2.01 -10.60
N GLY A 10 -1.65 2.10 -10.79
CA GLY A 10 -2.45 2.97 -9.95
C GLY A 10 -2.91 2.27 -8.68
N GLN A 11 -3.04 0.95 -8.75
CA GLN A 11 -3.49 0.18 -7.60
C GLN A 11 -2.31 -0.18 -6.70
N THR A 12 -1.14 -0.35 -7.29
CA THR A 12 0.06 -0.70 -6.54
C THR A 12 0.30 0.29 -5.41
N ILE A 13 -0.13 1.53 -5.62
CA ILE A 13 0.04 2.58 -4.61
C ILE A 13 -1.17 2.65 -3.68
N PHE A 14 -2.36 2.38 -4.24
CA PHE A 14 -3.58 2.42 -3.46
C PHE A 14 -3.61 1.29 -2.44
N SER A 15 -3.48 0.06 -2.92
CA SER A 15 -3.50 -1.12 -2.05
C SER A 15 -2.49 -0.96 -0.91
N ALA A 16 -1.30 -0.47 -1.25
CA ALA A 16 -0.25 -0.27 -0.26
C ALA A 16 -0.63 0.84 0.72
N GLY A 17 -1.29 1.87 0.22
CA GLY A 17 -1.69 2.98 1.07
C GLY A 17 -2.53 2.53 2.25
N GLN A 18 -3.27 1.45 2.05
CA GLN A 18 -4.13 0.92 3.12
C GLN A 18 -3.35 -0.03 4.02
N LYS A 19 -2.34 -0.68 3.46
CA LYS A 19 -1.52 -1.62 4.22
C LYS A 19 -0.55 -0.87 5.13
N LEU A 20 0.29 -0.02 4.54
CA LEU A 20 1.25 0.76 5.29
C LEU A 20 0.56 1.67 6.31
N GLY A 21 -0.69 2.03 6.01
CA GLY A 21 -1.44 2.88 6.90
C GLY A 21 -1.57 2.31 8.29
N ASN A 22 -1.35 1.00 8.43
CA ASN A 22 -1.43 0.32 9.71
C ASN A 22 -0.38 0.86 10.68
N MET A 23 0.82 1.11 10.16
CA MET A 23 1.91 1.62 10.97
C MET A 23 1.82 3.14 11.11
N VAL A 24 1.14 3.77 10.17
CA VAL A 24 0.97 5.23 10.18
C VAL A 24 -0.11 5.64 11.17
N GLY A 25 -1.29 5.08 11.01
CA GLY A 25 -2.39 5.40 11.90
C GLY A 25 -2.41 4.54 13.15
N LYS A 26 -1.50 3.58 13.21
CA LYS A 26 -1.40 2.69 14.36
C LYS A 26 0.04 2.21 14.57
N ILE A 27 0.31 1.67 15.75
CA ILE A 27 1.65 1.17 16.06
C ILE A 27 1.96 -0.11 15.29
N VAL A 28 3.12 -0.69 15.56
CA VAL A 28 3.54 -1.91 14.89
C VAL A 28 4.31 -2.82 15.84
N PRO A 29 4.32 -4.12 15.53
CA PRO A 29 5.01 -5.12 16.35
C PRO A 29 6.53 -4.99 16.25
N LEU A 30 7.02 -4.55 15.10
CA LEU A 30 8.45 -4.39 14.88
C LEU A 30 8.78 -2.91 14.61
N PRO A 31 8.74 -2.10 15.67
CA PRO A 31 9.05 -0.67 15.58
C PRO A 31 10.52 -0.41 15.32
N PHE A 32 10.83 0.06 14.12
CA PHE A 32 12.21 0.36 13.73
C PHE A 32 12.46 1.86 13.73
N GLY A 33 11.41 2.63 13.44
CA GLY A 33 11.54 4.08 13.41
C GLY A 33 10.29 4.78 13.92
N TRP A 1 3.66 -4.91 -20.44
CA TRP A 1 2.81 -3.86 -21.00
C TRP A 1 1.43 -4.41 -21.38
N GLY A 2 0.39 -3.84 -20.78
CA GLY A 2 -0.96 -4.29 -21.05
C GLY A 2 -2.01 -3.47 -20.32
N TRP A 3 -3.26 -3.60 -20.73
CA TRP A 3 -4.35 -2.87 -20.10
C TRP A 3 -4.51 -3.27 -18.65
N LYS A 4 -4.74 -4.56 -18.41
CA LYS A 4 -4.91 -5.08 -17.06
C LYS A 4 -3.71 -4.74 -16.19
N GLU A 5 -2.56 -4.57 -16.82
CA GLU A 5 -1.33 -4.24 -16.11
C GLU A 5 -1.35 -2.77 -15.66
N VAL A 6 -2.07 -1.94 -16.40
CA VAL A 6 -2.18 -0.52 -16.07
C VAL A 6 -2.96 -0.30 -14.79
N VAL A 7 -4.17 -0.83 -14.74
CA VAL A 7 -5.03 -0.70 -13.57
C VAL A 7 -4.37 -1.33 -12.34
N GLN A 8 -3.40 -2.20 -12.58
CA GLN A 8 -2.71 -2.87 -11.49
C GLN A 8 -2.21 -1.86 -10.46
N ASN A 9 -1.42 -0.89 -10.91
CA ASN A 9 -0.89 0.13 -10.02
C ASN A 9 -2.00 0.99 -9.44
N GLY A 10 -3.17 0.95 -10.09
CA GLY A 10 -4.30 1.72 -9.61
C GLY A 10 -4.80 1.28 -8.25
N GLN A 11 -4.97 -0.04 -8.09
CA GLN A 11 -5.44 -0.59 -6.84
C GLN A 11 -4.28 -0.86 -5.89
N THR A 12 -3.11 -1.12 -6.46
CA THR A 12 -1.91 -1.38 -5.66
C THR A 12 -1.69 -0.29 -4.61
N ILE A 13 -1.79 0.96 -5.05
CA ILE A 13 -1.60 2.09 -4.13
C ILE A 13 -2.80 2.25 -3.21
N PHE A 14 -3.92 1.65 -3.59
CA PHE A 14 -5.14 1.72 -2.78
C PHE A 14 -5.10 0.72 -1.64
N SER A 15 -4.94 -0.55 -1.97
CA SER A 15 -4.89 -1.61 -0.97
C SER A 15 -3.76 -1.35 0.02
N ALA A 16 -2.60 -0.97 -0.50
CA ALA A 16 -1.43 -0.71 0.33
C ALA A 16 -1.70 0.46 1.29
N GLY A 17 -2.47 1.44 0.81
CA GLY A 17 -2.79 2.59 1.63
C GLY A 17 -3.49 2.22 2.92
N GLN A 18 -4.08 1.02 2.94
CA GLN A 18 -4.79 0.55 4.12
C GLN A 18 -3.85 -0.14 5.09
N LYS A 19 -3.01 -1.02 4.55
CA LYS A 19 -2.04 -1.76 5.37
C LYS A 19 -1.00 -0.82 5.95
N LEU A 20 -0.30 -0.10 5.07
CA LEU A 20 0.73 0.85 5.50
C LEU A 20 0.19 1.81 6.54
N GLY A 21 -1.11 2.10 6.47
CA GLY A 21 -1.73 3.01 7.41
C GLY A 21 -1.56 2.56 8.84
N ASN A 22 -1.25 1.28 9.03
CA ASN A 22 -1.05 0.72 10.36
C ASN A 22 0.10 1.43 11.09
N MET A 23 1.19 1.66 10.37
CA MET A 23 2.35 2.33 10.94
C MET A 23 2.15 3.84 10.96
N VAL A 24 1.36 4.35 10.02
CA VAL A 24 1.08 5.77 9.93
C VAL A 24 0.18 6.23 11.07
N GLY A 25 -0.99 5.60 11.17
CA GLY A 25 -1.93 5.97 12.22
C GLY A 25 -1.60 5.30 13.55
N LYS A 26 -0.60 4.43 13.53
CA LYS A 26 -0.19 3.72 14.74
C LYS A 26 1.30 3.40 14.70
N ILE A 27 2.10 4.25 15.33
CA ILE A 27 3.55 4.05 15.37
C ILE A 27 3.91 2.84 16.22
N VAL A 28 4.73 1.94 15.65
CA VAL A 28 5.15 0.74 16.36
C VAL A 28 6.67 0.64 16.40
N PRO A 29 7.19 -0.09 17.39
CA PRO A 29 8.63 -0.29 17.56
C PRO A 29 9.24 -1.17 16.46
N LEU A 30 8.38 -1.91 15.76
CA LEU A 30 8.82 -2.79 14.68
C LEU A 30 8.12 -2.44 13.37
N PRO A 31 8.53 -1.31 12.77
CA PRO A 31 7.97 -0.84 11.50
C PRO A 31 8.35 -1.73 10.33
N PHE A 32 7.48 -2.68 9.99
CA PHE A 32 7.74 -3.58 8.88
C PHE A 32 9.04 -4.36 9.11
N GLY A 33 9.31 -4.69 10.36
CA GLY A 33 10.51 -5.43 10.69
C GLY A 33 10.23 -6.84 11.16
N TRP A 1 -3.86 -5.41 -25.15
CA TRP A 1 -4.09 -4.87 -23.81
C TRP A 1 -5.57 -4.63 -23.56
N GLY A 2 -5.88 -4.07 -22.39
CA GLY A 2 -7.27 -3.79 -22.05
C GLY A 2 -7.41 -3.18 -20.67
N TRP A 3 -8.62 -3.23 -20.13
CA TRP A 3 -8.89 -2.67 -18.81
C TRP A 3 -7.97 -3.28 -17.76
N LYS A 4 -7.50 -4.49 -18.03
CA LYS A 4 -6.59 -5.19 -17.12
C LYS A 4 -5.41 -4.30 -16.74
N GLU A 5 -4.62 -3.92 -17.73
CA GLU A 5 -3.45 -3.08 -17.51
C GLU A 5 -3.88 -1.66 -17.13
N VAL A 6 -5.01 -1.22 -17.68
CA VAL A 6 -5.53 0.12 -17.41
C VAL A 6 -5.71 0.34 -15.92
N VAL A 7 -6.51 -0.52 -15.29
CA VAL A 7 -6.77 -0.42 -13.86
C VAL A 7 -5.51 -0.71 -13.05
N GLN A 8 -4.64 -1.56 -13.60
CA GLN A 8 -3.41 -1.92 -12.93
C GLN A 8 -2.59 -0.69 -12.58
N ASN A 9 -2.76 0.37 -13.37
CA ASN A 9 -2.04 1.62 -13.14
C ASN A 9 -2.67 2.41 -12.01
N GLY A 10 -3.96 2.21 -11.79
CA GLY A 10 -4.66 2.91 -10.72
C GLY A 10 -4.61 2.16 -9.41
N GLN A 11 -4.51 0.84 -9.48
CA GLN A 11 -4.46 0.01 -8.29
C GLN A 11 -3.04 -0.11 -7.77
N THR A 12 -2.07 -0.16 -8.69
CA THR A 12 -0.67 -0.28 -8.31
C THR A 12 -0.27 0.80 -7.32
N ILE A 13 -0.95 1.94 -7.38
CA ILE A 13 -0.67 3.05 -6.47
C ILE A 13 -1.54 2.97 -5.23
N PHE A 14 -2.71 2.37 -5.37
CA PHE A 14 -3.64 2.23 -4.25
C PHE A 14 -3.16 1.16 -3.28
N SER A 15 -2.96 -0.05 -3.80
CA SER A 15 -2.52 -1.17 -2.98
C SER A 15 -1.20 -0.84 -2.29
N ALA A 16 -0.27 -0.26 -3.04
CA ALA A 16 1.03 0.11 -2.50
C ALA A 16 0.89 1.17 -1.40
N GLY A 17 -0.18 1.95 -1.48
CA GLY A 17 -0.41 2.99 -0.49
C GLY A 17 -0.53 2.44 0.91
N GLN A 18 -1.17 1.29 1.04
CA GLN A 18 -1.36 0.66 2.34
C GLN A 18 -0.21 -0.30 2.65
N LYS A 19 0.26 -0.99 1.62
CA LYS A 19 1.35 -1.94 1.77
C LYS A 19 2.59 -1.27 2.37
N LEU A 20 3.12 -0.29 1.66
CA LEU A 20 4.29 0.45 2.11
C LEU A 20 4.03 1.11 3.45
N GLY A 21 2.84 1.69 3.60
CA GLY A 21 2.48 2.35 4.84
C GLY A 21 2.61 1.44 6.04
N ASN A 22 2.61 0.13 5.80
CA ASN A 22 2.72 -0.85 6.87
C ASN A 22 4.03 -0.66 7.64
N MET A 23 5.11 -0.45 6.91
CA MET A 23 6.42 -0.25 7.52
C MET A 23 6.58 1.18 8.02
N VAL A 24 5.90 2.11 7.37
CA VAL A 24 5.96 3.51 7.75
C VAL A 24 5.23 3.76 9.07
N GLY A 25 3.96 3.39 9.11
CA GLY A 25 3.18 3.58 10.33
C GLY A 25 3.42 2.48 11.35
N LYS A 26 4.25 1.51 10.99
CA LYS A 26 4.57 0.40 11.88
C LYS A 26 5.01 0.91 13.25
N ILE A 27 5.68 2.05 13.25
CA ILE A 27 6.16 2.65 14.50
C ILE A 27 5.01 2.89 15.47
N VAL A 28 5.19 2.47 16.71
CA VAL A 28 4.17 2.65 17.74
C VAL A 28 4.78 3.14 19.05
N PRO A 29 3.96 3.80 19.88
CA PRO A 29 4.40 4.34 21.16
C PRO A 29 4.69 3.23 22.18
N LEU A 30 4.03 2.10 22.02
CA LEU A 30 4.22 0.97 22.92
C LEU A 30 5.55 0.26 22.63
N PRO A 31 6.04 -0.50 23.61
CA PRO A 31 7.30 -1.25 23.48
C PRO A 31 7.18 -2.42 22.52
N PHE A 32 5.97 -2.96 22.41
CA PHE A 32 5.73 -4.10 21.52
C PHE A 32 5.89 -3.68 20.06
N GLY A 33 7.06 -3.98 19.49
CA GLY A 33 7.32 -3.64 18.11
C GLY A 33 8.74 -3.18 17.88
#